data_4ARQ
#
_entry.id   4ARQ
#
_cell.length_a   35.964
_cell.length_b   86.118
_cell.length_c   122.022
_cell.angle_alpha   90.00
_cell.angle_beta   97.48
_cell.angle_gamma   90.00
#
_symmetry.space_group_name_H-M   'P 1 21 1'
#
loop_
_entity.id
_entity.type
_entity.pdbx_description
1 polymer PESTICIN
2 polymer PESTICIN
3 non-polymer 'MAGNESIUM ION'
4 water water
#
loop_
_entity_poly.entity_id
_entity_poly.type
_entity_poly.pdbx_seq_one_letter_code
_entity_poly.pdbx_strand_id
1 'polypeptide(L)'
;MSDTMVVNGSGGVPAFLFSGSTLSSYRPNFEANSITIALPHYVNLPGRSNFKLMYIMGFPIDTEMEKDSEYSNKIRQESK
ISKTEGTVCYEQKITVETGQEKDGVKVYRVMVLEGTIAESIEHLDKKENEDILNNNRNRIVLADNTVINFDNISQLKEFL
RRSVNIVDHDIFSSNGFEGFNPTSHFPSNPSSDYFNSTGVTFGSGVDLGQRSKQDLLNDGVPQYIADRLDGYYMLRGKEA
YDKVRTAPLTLSDNEAHLLSNIYIDKFSHKIEGLFNDANIGLRFCDLPLRTRTALVSIGYQKGFKLSRTAPTVWNKVIAK
DWNGLVNAFNNIVDGMSDRRKREGALVQKDIDSGLLK
;
A
2 'polypeptide(L)'
;MSDTMVVNGSGGVPAFLFSGSTLSSYRPNFEANSITIALPHYVDLPGRSNFKLMYIMGFPIDTEMEKDSEYSNKIRQESK
ISKTEGTVCYEQKITVETGQEKDGVKVYRVMVLEGTIAESIEHLDKKENEDILNNNRNRIVLADNTVINFDNISQLKEFL
RRSVNIVDHDIFSSNGFEGFNPTSHFPSNPSSDYFNSTGVTFGSGVDLGQRSKQDLLNDGVPQYIADRLDGYYMLRGKEA
YDKVRTAPLTLSDNEAHLLSNIYIDKFSHKIEGLFNDANIGLRFCDLPLRTRTALVSIGYQKGFKLSRTAPTVWNKVIAK
DWNGLVNAFNNIVDGMSDRRKREGALVQKDIDSGLLK
;
B
#
loop_
_chem_comp.id
_chem_comp.type
_chem_comp.name
_chem_comp.formula
MG non-polymer 'MAGNESIUM ION' 'Mg 2'
#
# COMPACT_ATOMS: atom_id res chain seq x y z
N VAL A 13 41.52 32.33 -35.32
CA VAL A 13 40.91 31.43 -34.33
C VAL A 13 41.42 31.83 -32.93
N PRO A 14 40.52 31.93 -31.95
CA PRO A 14 39.08 31.80 -32.09
C PRO A 14 38.49 32.97 -32.84
N ALA A 15 37.46 32.70 -33.64
CA ALA A 15 36.85 33.72 -34.47
C ALA A 15 36.22 34.88 -33.72
N PHE A 16 34.96 35.13 -34.10
CA PHE A 16 34.15 36.28 -33.71
C PHE A 16 34.25 36.66 -32.24
N LEU A 17 35.41 37.11 -31.78
CA LEU A 17 35.74 36.97 -30.37
C LEU A 17 35.09 38.01 -29.48
N PHE A 18 35.07 39.24 -29.97
CA PHE A 18 34.48 40.34 -29.22
C PHE A 18 33.05 40.62 -29.63
N SER A 19 32.51 39.75 -30.47
CA SER A 19 31.14 39.92 -30.94
C SER A 19 30.12 39.63 -29.83
N GLY A 20 28.84 39.78 -30.15
CA GLY A 20 27.77 39.37 -29.27
C GLY A 20 27.85 40.11 -27.94
N SER A 21 27.24 39.54 -26.90
CA SER A 21 27.30 40.13 -25.56
C SER A 21 27.62 39.06 -24.55
N THR A 22 27.97 39.50 -23.35
CA THR A 22 28.35 38.58 -22.29
C THR A 22 27.52 38.85 -21.04
N LEU A 23 26.96 37.78 -20.46
CA LEU A 23 26.19 37.88 -19.23
C LEU A 23 26.99 37.64 -17.97
N SER A 24 27.16 38.68 -17.18
CA SER A 24 27.87 38.55 -15.92
C SER A 24 27.22 39.42 -14.86
N SER A 25 26.96 38.82 -13.71
CA SER A 25 26.49 39.60 -12.57
C SER A 25 27.72 40.35 -12.07
N TYR A 26 28.89 39.79 -12.35
CA TYR A 26 30.13 40.43 -11.95
C TYR A 26 30.70 41.31 -13.06
N ARG A 27 30.79 42.59 -12.71
CA ARG A 27 31.26 43.67 -13.57
C ARG A 27 32.35 44.37 -12.77
N PRO A 28 33.62 43.97 -12.99
CA PRO A 28 34.81 44.30 -12.17
C PRO A 28 35.20 45.76 -12.02
N ASN A 29 35.92 46.00 -10.92
CA ASN A 29 36.58 47.26 -10.60
C ASN A 29 35.55 48.29 -10.12
N PHE A 30 35.42 49.41 -10.83
CA PHE A 30 34.52 50.47 -10.36
C PHE A 30 33.85 51.31 -11.43
N ILE A 35 38.36 56.75 -19.78
CA ILE A 35 39.08 55.56 -19.39
C ILE A 35 38.39 54.29 -19.92
N THR A 36 39.06 53.13 -20.07
CA THR A 36 40.49 52.84 -20.33
C THR A 36 40.63 51.36 -20.65
N ILE A 37 39.67 50.78 -21.38
CA ILE A 37 39.74 49.33 -21.51
C ILE A 37 40.54 48.67 -22.61
N ALA A 38 41.06 49.41 -23.59
CA ALA A 38 41.65 48.73 -24.75
C ALA A 38 42.87 47.93 -24.27
N LEU A 39 43.25 48.22 -23.03
CA LEU A 39 44.29 47.53 -22.27
C LEU A 39 43.77 46.29 -21.54
N PRO A 40 44.51 45.18 -21.60
CA PRO A 40 44.09 43.99 -20.84
C PRO A 40 44.07 44.26 -19.35
N HIS A 41 42.99 43.84 -18.68
CA HIS A 41 42.95 43.95 -17.24
C HIS A 41 42.74 42.54 -16.64
N TYR A 42 43.52 42.20 -15.63
CA TYR A 42 43.48 40.91 -14.95
C TYR A 42 42.85 40.99 -13.57
N VAL A 43 42.10 39.94 -13.22
CA VAL A 43 41.48 39.85 -11.91
C VAL A 43 41.27 38.39 -11.46
N ASN A 44 41.20 38.17 -10.15
CA ASN A 44 40.86 36.85 -9.65
C ASN A 44 39.37 36.91 -9.42
N LEU A 45 38.60 36.04 -10.07
CA LEU A 45 37.18 35.94 -9.78
C LEU A 45 37.02 35.52 -8.31
N PRO A 46 36.32 36.36 -7.52
CA PRO A 46 36.35 36.37 -6.05
C PRO A 46 36.12 35.04 -5.33
N GLY A 47 35.11 34.27 -5.70
CA GLY A 47 34.80 33.11 -4.90
C GLY A 47 35.87 32.05 -4.96
N ARG A 48 36.65 32.01 -6.03
CA ARG A 48 37.41 30.81 -6.28
C ARG A 48 38.82 31.07 -6.75
N SER A 49 39.71 30.14 -6.40
CA SER A 49 41.03 30.07 -6.96
C SER A 49 41.42 28.63 -7.37
N ASN A 50 41.99 28.47 -8.56
CA ASN A 50 42.14 29.57 -9.49
C ASN A 50 40.81 29.78 -10.26
N PHE A 51 40.40 31.02 -10.42
CA PHE A 51 39.75 31.50 -11.61
C PHE A 51 40.44 32.79 -11.99
N LYS A 52 41.17 32.78 -13.09
CA LYS A 52 41.88 33.97 -13.48
C LYS A 52 41.25 34.47 -14.75
N LEU A 53 40.86 35.74 -14.77
CA LEU A 53 40.26 36.30 -15.99
C LEU A 53 41.16 37.38 -16.56
N MET A 54 41.21 37.42 -17.88
CA MET A 54 41.86 38.50 -18.58
C MET A 54 40.76 39.16 -19.39
N TYR A 55 40.51 40.42 -19.05
CA TYR A 55 39.55 41.27 -19.75
C TYR A 55 40.19 42.07 -20.88
N ILE A 56 39.74 41.83 -22.10
CA ILE A 56 40.14 42.65 -23.25
C ILE A 56 38.92 43.25 -23.91
N MET A 57 39.03 44.54 -24.17
CA MET A 57 37.89 45.37 -24.47
C MET A 57 36.98 45.25 -23.25
N GLY A 58 35.69 45.11 -23.46
CA GLY A 58 34.77 44.95 -22.35
C GLY A 58 34.61 43.48 -21.99
N PHE A 59 35.31 42.62 -22.72
CA PHE A 59 35.06 41.17 -22.65
C PHE A 59 36.03 40.31 -21.84
N PRO A 60 35.46 39.41 -21.01
CA PRO A 60 36.19 38.42 -20.20
C PRO A 60 36.76 37.26 -21.03
N ILE A 61 37.99 36.88 -20.73
CA ILE A 61 38.67 35.80 -21.44
C ILE A 61 39.31 34.83 -20.45
N ASP A 62 38.97 33.56 -20.59
CA ASP A 62 39.51 32.54 -19.72
C ASP A 62 40.62 31.83 -20.48
N THR A 63 41.84 31.91 -19.96
CA THR A 63 42.94 31.24 -20.64
C THR A 63 43.54 30.21 -19.72
N GLU A 64 44.01 29.11 -20.33
CA GLU A 64 44.69 28.09 -19.58
C GLU A 64 46.00 27.72 -20.26
N MET A 65 47.00 27.37 -19.48
CA MET A 65 48.21 26.81 -20.03
C MET A 65 48.87 25.88 -19.04
N GLU A 66 49.53 24.84 -19.56
CA GLU A 66 50.21 23.88 -18.71
C GLU A 66 51.37 24.54 -17.95
N LYS A 67 52.28 25.17 -18.69
CA LYS A 67 53.40 25.89 -18.11
C LYS A 67 52.92 26.96 -17.13
N ASP A 68 53.62 27.09 -16.00
CA ASP A 68 53.19 28.02 -14.95
C ASP A 68 53.08 29.41 -15.53
N SER A 69 52.10 30.17 -15.06
CA SER A 69 52.00 31.57 -15.44
C SER A 69 51.38 32.42 -14.33
N GLU A 70 51.65 33.72 -14.39
CA GLU A 70 51.09 34.68 -13.45
C GLU A 70 49.69 35.13 -13.85
N TYR A 71 49.48 35.30 -15.14
CA TYR A 71 48.19 35.74 -15.68
C TYR A 71 47.20 34.70 -16.25
N SER A 72 47.62 33.44 -16.32
CA SER A 72 46.80 32.37 -16.88
C SER A 72 46.41 31.32 -15.85
N ASN A 73 45.27 30.68 -16.08
CA ASN A 73 44.89 29.54 -15.24
C ASN A 73 45.68 28.31 -15.60
N LYS A 74 45.74 27.40 -14.65
CA LYS A 74 46.30 26.08 -14.89
C LYS A 74 45.28 25.34 -15.77
N ILE A 75 45.70 24.29 -16.46
CA ILE A 75 44.74 23.48 -17.22
C ILE A 75 43.67 22.83 -16.33
N ARG A 76 42.40 23.03 -16.71
CA ARG A 76 41.29 22.45 -15.95
C ARG A 76 40.94 21.03 -16.39
N GLN A 77 40.60 20.20 -15.40
CA GLN A 77 40.14 18.85 -15.68
C GLN A 77 38.81 18.76 -16.39
N GLU A 78 38.71 17.79 -17.28
CA GLU A 78 37.45 17.50 -17.93
C GLU A 78 36.52 16.79 -16.93
N SER A 79 35.30 17.31 -16.84
CA SER A 79 34.24 16.72 -16.04
C SER A 79 33.94 15.32 -16.57
N LYS A 80 33.50 14.44 -15.67
CA LYS A 80 33.10 13.10 -16.06
C LYS A 80 31.64 13.05 -16.48
N ILE A 81 30.94 14.16 -16.26
CA ILE A 81 29.55 14.25 -16.68
C ILE A 81 29.35 14.05 -18.20
N SER A 82 28.41 13.19 -18.54
CA SER A 82 28.13 12.87 -19.93
C SER A 82 27.54 14.07 -20.71
N LYS A 83 28.14 14.40 -21.85
CA LYS A 83 27.66 15.54 -22.64
C LYS A 83 26.37 15.20 -23.36
N THR A 84 26.21 13.92 -23.66
CA THR A 84 25.01 13.44 -24.34
C THR A 84 23.80 13.16 -23.46
N GLU A 85 23.98 12.40 -22.39
CA GLU A 85 22.87 12.06 -21.49
C GLU A 85 22.80 12.78 -20.14
N GLY A 86 23.84 13.53 -19.82
CA GLY A 86 24.04 14.03 -18.46
C GLY A 86 23.30 15.30 -18.15
N THR A 87 23.43 15.74 -16.91
CA THR A 87 22.86 17.00 -16.45
C THR A 87 23.81 17.65 -15.45
N VAL A 88 23.63 18.95 -15.23
CA VAL A 88 24.24 19.59 -14.09
C VAL A 88 23.09 19.87 -13.10
N CYS A 89 23.37 19.81 -11.80
CA CYS A 89 22.39 20.06 -10.74
C CYS A 89 21.72 21.41 -11.07
N TYR A 90 20.40 21.44 -10.96
CA TYR A 90 19.60 22.63 -11.27
C TYR A 90 19.77 23.75 -10.22
N GLU A 91 20.49 23.47 -9.15
CA GLU A 91 20.76 24.46 -8.10
C GLU A 91 22.08 25.17 -8.33
N GLN A 92 22.77 24.84 -9.42
CA GLN A 92 24.06 25.48 -9.63
C GLN A 92 24.07 26.54 -10.69
N LYS A 93 24.88 27.56 -10.46
CA LYS A 93 25.21 28.53 -11.47
C LYS A 93 26.35 27.94 -12.29
N ILE A 94 26.39 28.31 -13.57
CA ILE A 94 27.38 27.75 -14.46
C ILE A 94 28.09 28.86 -15.21
N THR A 95 29.28 28.54 -15.70
CA THR A 95 29.98 29.45 -16.60
C THR A 95 30.07 28.82 -17.98
N VAL A 96 29.69 29.61 -18.98
CA VAL A 96 29.69 29.14 -20.35
C VAL A 96 30.73 29.88 -21.20
N GLU A 97 31.57 29.12 -21.89
CA GLU A 97 32.63 29.72 -22.66
C GLU A 97 32.66 29.10 -24.03
N THR A 98 33.14 29.89 -24.98
CA THR A 98 33.32 29.44 -26.34
C THR A 98 34.71 29.92 -26.78
N GLY A 99 35.44 29.08 -27.51
CA GLY A 99 36.82 29.39 -27.81
C GLY A 99 37.59 28.27 -28.50
N GLN A 100 38.90 28.29 -28.33
CA GLN A 100 39.80 27.35 -28.97
C GLN A 100 40.89 26.86 -28.03
N GLU A 101 41.41 25.68 -28.32
CA GLU A 101 42.54 25.16 -27.56
C GLU A 101 43.48 24.28 -28.39
N LYS A 102 44.78 24.49 -28.20
CA LYS A 102 45.79 23.65 -28.81
C LYS A 102 47.04 23.49 -27.92
N ASP A 103 47.57 22.27 -27.85
CA ASP A 103 48.90 22.00 -27.30
C ASP A 103 49.17 22.65 -25.93
N GLY A 104 48.22 22.51 -24.99
CA GLY A 104 48.39 23.07 -23.66
C GLY A 104 48.17 24.58 -23.56
N VAL A 105 47.51 25.14 -24.57
CA VAL A 105 47.12 26.56 -24.58
C VAL A 105 45.64 26.66 -24.91
N LYS A 106 44.89 27.29 -24.01
CA LYS A 106 43.45 27.36 -24.16
C LYS A 106 42.98 28.77 -24.01
N VAL A 107 42.13 29.21 -24.93
CA VAL A 107 41.63 30.56 -24.89
C VAL A 107 40.14 30.53 -25.15
N TYR A 108 39.39 31.00 -24.18
CA TYR A 108 37.95 30.91 -24.27
C TYR A 108 37.33 32.24 -23.95
N ARG A 109 36.41 32.65 -24.80
CA ARG A 109 35.56 33.78 -24.49
C ARG A 109 34.49 33.36 -23.50
N VAL A 110 34.32 34.12 -22.43
CA VAL A 110 33.26 33.80 -21.48
C VAL A 110 31.97 34.43 -21.97
N MET A 111 31.00 33.58 -22.30
CA MET A 111 29.66 34.00 -22.68
C MET A 111 28.74 34.24 -21.48
N VAL A 112 28.85 33.37 -20.49
CA VAL A 112 28.05 33.49 -19.28
C VAL A 112 28.96 33.23 -18.10
N LEU A 113 28.98 34.17 -17.16
CA LEU A 113 29.84 34.01 -16.00
C LEU A 113 29.02 33.78 -14.73
N GLU A 114 29.06 32.55 -14.23
CA GLU A 114 28.33 32.14 -13.04
C GLU A 114 26.86 32.56 -13.07
N GLY A 115 26.18 32.22 -14.15
CA GLY A 115 24.76 32.47 -14.20
C GLY A 115 23.98 31.19 -13.98
N THR A 116 22.70 31.35 -13.73
CA THR A 116 21.79 30.25 -13.57
C THR A 116 21.55 29.58 -14.91
N ILE A 117 21.08 28.33 -14.85
CA ILE A 117 20.78 27.55 -16.03
C ILE A 117 19.81 28.30 -16.93
N ALA A 118 18.69 28.76 -16.37
CA ALA A 118 17.66 29.42 -17.16
C ALA A 118 18.20 30.68 -17.86
N GLU A 119 18.93 31.51 -17.11
CA GLU A 119 19.60 32.69 -17.68
C GLU A 119 20.48 32.31 -18.86
N SER A 120 21.24 31.23 -18.67
CA SER A 120 22.19 30.77 -19.68
C SER A 120 21.46 30.38 -20.95
N ILE A 121 20.42 29.56 -20.83
CA ILE A 121 19.61 29.15 -21.97
C ILE A 121 19.13 30.37 -22.73
N GLU A 122 18.59 31.32 -21.97
CA GLU A 122 18.04 32.56 -22.50
C GLU A 122 19.09 33.35 -23.29
N HIS A 123 20.25 33.53 -22.67
CA HIS A 123 21.33 34.33 -23.26
C HIS A 123 21.88 33.74 -24.53
N LEU A 124 21.97 32.42 -24.53
CA LEU A 124 22.54 31.70 -25.65
C LEU A 124 21.58 31.65 -26.82
N ASP A 125 20.31 31.92 -26.53
CA ASP A 125 19.29 32.02 -27.56
C ASP A 125 19.33 33.36 -28.31
N LYS A 126 20.13 34.30 -27.80
CA LYS A 126 20.18 35.64 -28.39
C LYS A 126 20.86 35.59 -29.76
N LYS A 127 20.23 36.22 -30.76
CA LYS A 127 20.72 36.23 -32.16
C LYS A 127 22.16 36.76 -32.33
N GLU A 128 22.47 37.83 -31.61
CA GLU A 128 23.78 38.47 -31.62
C GLU A 128 24.93 37.49 -31.35
N ASN A 129 24.72 36.52 -30.48
CA ASN A 129 25.75 35.55 -30.05
C ASN A 129 25.91 34.33 -30.92
N GLU A 130 25.09 34.24 -31.96
CA GLU A 130 25.08 33.08 -32.85
C GLU A 130 26.45 32.81 -33.43
N ASP A 131 27.02 33.83 -34.07
CA ASP A 131 28.27 33.72 -34.81
C ASP A 131 29.40 33.09 -34.01
N ILE A 132 29.59 33.57 -32.80
CA ILE A 132 30.71 33.12 -31.99
C ILE A 132 30.49 31.68 -31.49
N LEU A 133 29.22 31.33 -31.29
CA LEU A 133 28.86 30.01 -30.75
C LEU A 133 28.89 28.94 -31.81
N ASN A 134 28.53 29.32 -33.04
CA ASN A 134 28.55 28.39 -34.14
C ASN A 134 29.94 28.19 -34.68
N ASN A 135 30.78 29.19 -34.44
CA ASN A 135 32.12 29.18 -34.99
C ASN A 135 33.24 28.74 -34.04
N ASN A 136 32.87 28.34 -32.82
CA ASN A 136 33.88 27.90 -31.86
C ASN A 136 33.50 26.64 -31.07
N ARG A 137 34.41 26.18 -30.22
CA ARG A 137 34.11 25.07 -29.31
C ARG A 137 33.45 25.63 -28.07
N ASN A 138 32.37 24.98 -27.65
CA ASN A 138 31.63 25.44 -26.50
C ASN A 138 31.84 24.52 -25.32
N ARG A 139 31.99 25.10 -24.15
CA ARG A 139 32.20 24.29 -22.98
C ARG A 139 31.53 24.94 -21.78
N ILE A 140 31.28 24.13 -20.76
CA ILE A 140 30.81 24.62 -19.48
C ILE A 140 31.88 24.44 -18.44
N VAL A 141 32.18 25.50 -17.72
CA VAL A 141 33.04 25.42 -16.55
C VAL A 141 32.15 25.35 -15.33
N LEU A 142 32.17 24.20 -14.67
CA LEU A 142 31.34 23.96 -13.50
C LEU A 142 31.87 24.64 -12.25
N ALA A 143 30.97 24.81 -11.26
CA ALA A 143 31.31 25.42 -9.98
C ALA A 143 32.47 24.68 -9.35
N ASP A 144 32.59 23.40 -9.66
CA ASP A 144 33.65 22.58 -9.10
C ASP A 144 34.95 22.74 -9.93
N ASN A 145 34.90 23.63 -10.93
CA ASN A 145 36.07 23.94 -11.76
C ASN A 145 36.38 22.89 -12.83
N THR A 146 35.61 21.81 -12.88
CA THR A 146 35.78 20.90 -13.99
C THR A 146 35.03 21.42 -15.22
N VAL A 147 35.29 20.80 -16.36
CA VAL A 147 34.70 21.32 -17.59
C VAL A 147 34.02 20.27 -18.42
N ILE A 148 32.94 20.66 -19.09
CA ILE A 148 32.28 19.76 -20.01
C ILE A 148 32.40 20.34 -21.42
N ASN A 149 33.04 19.59 -22.31
CA ASN A 149 33.22 20.01 -23.70
C ASN A 149 32.14 19.44 -24.62
N PHE A 150 31.50 20.34 -25.36
CA PHE A 150 30.39 19.91 -26.23
C PHE A 150 30.83 19.88 -27.67
N ASP A 151 30.28 18.91 -28.39
CA ASP A 151 30.57 18.72 -29.81
C ASP A 151 30.05 19.90 -30.61
N ASN A 152 28.94 20.48 -30.16
CA ASN A 152 28.36 21.63 -30.82
C ASN A 152 27.41 22.38 -29.90
N ILE A 153 27.06 23.60 -30.31
CA ILE A 153 26.25 24.50 -29.50
C ILE A 153 24.84 23.96 -29.24
N SER A 154 24.31 23.22 -30.21
CA SER A 154 23.00 22.61 -30.07
C SER A 154 23.01 21.57 -28.95
N GLN A 155 24.14 20.87 -28.80
CA GLN A 155 24.30 19.87 -27.77
C GLN A 155 24.28 20.49 -26.39
N LEU A 156 25.01 21.60 -26.26
CA LEU A 156 25.08 22.31 -25.00
C LEU A 156 23.71 22.81 -24.57
N LYS A 157 22.96 23.40 -25.49
CA LYS A 157 21.64 23.90 -25.15
C LYS A 157 20.72 22.79 -24.67
N GLU A 158 20.78 21.63 -25.32
CA GLU A 158 19.92 20.51 -24.94
C GLU A 158 20.30 19.96 -23.56
N PHE A 159 21.61 19.94 -23.30
CA PHE A 159 22.15 19.52 -22.02
C PHE A 159 21.52 20.41 -20.95
N LEU A 160 21.53 21.70 -21.23
CA LEU A 160 20.97 22.72 -20.36
C LEU A 160 19.48 22.47 -20.16
N ARG A 161 18.80 22.18 -21.26
CA ARG A 161 17.36 21.90 -21.21
C ARG A 161 17.03 20.71 -20.30
N ARG A 162 17.82 19.63 -20.40
CA ARG A 162 17.67 18.49 -19.48
C ARG A 162 17.86 18.86 -18.03
N SER A 163 18.80 19.76 -17.80
CA SER A 163 19.33 20.04 -16.47
C SER A 163 18.31 20.85 -15.68
N VAL A 164 17.49 21.61 -16.40
CA VAL A 164 16.58 22.54 -15.76
C VAL A 164 15.36 21.80 -15.20
N ASN A 165 15.06 20.61 -15.74
CA ASN A 165 13.93 19.84 -15.25
C ASN A 165 14.31 18.94 -14.11
N ILE A 166 13.45 18.93 -13.09
CA ILE A 166 13.65 18.11 -11.90
C ILE A 166 13.37 16.62 -12.18
N VAL A 167 12.35 16.35 -13.00
CA VAL A 167 12.09 15.01 -13.51
C VAL A 167 11.91 15.06 -15.01
N ASP A 168 11.94 13.90 -15.64
CA ASP A 168 11.77 13.87 -17.07
C ASP A 168 10.26 13.69 -17.26
N HIS A 169 9.61 14.77 -17.73
CA HIS A 169 8.15 14.82 -17.75
C HIS A 169 7.57 13.95 -18.86
N ASP A 170 8.36 13.68 -19.89
CA ASP A 170 7.90 12.81 -20.98
C ASP A 170 7.82 11.35 -20.55
N ILE A 171 8.81 10.89 -19.81
CA ILE A 171 8.81 9.53 -19.25
C ILE A 171 7.68 9.34 -18.27
N PHE A 172 7.52 10.34 -17.43
CA PHE A 172 6.55 10.34 -16.37
C PHE A 172 5.13 10.16 -16.92
N SER A 173 4.82 10.87 -17.99
CA SER A 173 3.49 10.86 -18.57
C SER A 173 3.43 9.78 -19.64
N SER A 174 4.47 8.95 -19.73
CA SER A 174 4.39 7.87 -20.70
C SER A 174 3.44 6.80 -20.14
N ASN A 175 2.91 5.98 -21.04
CA ASN A 175 1.93 4.97 -20.68
C ASN A 175 2.51 3.93 -19.72
N GLY A 176 3.84 3.83 -19.76
CA GLY A 176 4.61 2.95 -18.91
C GLY A 176 4.55 3.36 -17.45
N PHE A 177 4.30 4.64 -17.17
CA PHE A 177 4.25 5.07 -15.78
C PHE A 177 2.95 5.70 -15.35
N GLU A 178 2.78 6.99 -15.52
CA GLU A 178 1.58 7.57 -14.96
C GLU A 178 0.54 7.73 -16.06
N GLY A 179 0.96 7.51 -17.30
CA GLY A 179 0.08 7.65 -18.43
C GLY A 179 -0.34 9.07 -18.67
N PHE A 180 -1.02 9.28 -19.78
CA PHE A 180 -1.58 10.58 -20.06
C PHE A 180 -2.96 10.51 -20.69
N ASN A 181 -3.93 11.10 -19.98
CA ASN A 181 -5.32 11.17 -20.45
C ASN A 181 -5.92 12.57 -20.26
N PRO A 182 -5.86 13.40 -21.32
CA PRO A 182 -6.42 14.75 -21.31
C PRO A 182 -7.92 14.83 -21.03
N THR A 183 -8.62 13.70 -21.15
CA THR A 183 -10.06 13.67 -20.92
C THR A 183 -10.36 13.37 -19.45
N SER A 184 -11.34 14.05 -18.85
CA SER A 184 -11.74 13.79 -17.47
C SER A 184 -12.01 12.31 -17.37
N HIS A 185 -11.36 11.64 -16.43
CA HIS A 185 -11.57 10.22 -16.29
C HIS A 185 -11.69 9.81 -14.84
N PHE A 186 -12.39 8.71 -14.62
CA PHE A 186 -12.54 8.21 -13.27
C PHE A 186 -11.91 6.83 -13.20
N PRO A 187 -10.69 6.74 -12.65
CA PRO A 187 -10.04 5.42 -12.78
C PRO A 187 -10.42 4.48 -11.66
N SER A 188 -11.73 4.31 -11.49
CA SER A 188 -12.25 3.37 -10.54
C SER A 188 -13.67 3.03 -10.94
N ASN A 189 -14.20 1.99 -10.33
CA ASN A 189 -15.59 1.60 -10.48
C ASN A 189 -16.26 1.36 -9.10
N PRO A 190 -17.62 1.36 -9.06
CA PRO A 190 -18.43 1.26 -7.83
C PRO A 190 -18.14 -0.03 -7.04
N SER A 191 -17.60 -1.02 -7.74
CA SER A 191 -17.23 -2.32 -7.16
C SER A 191 -15.90 -2.23 -6.43
N SER A 192 -14.98 -1.42 -6.94
CA SER A 192 -13.65 -1.30 -6.37
C SER A 192 -13.60 -0.58 -5.05
N ASP A 193 -12.55 -0.94 -4.33
CA ASP A 193 -12.22 -0.49 -3.00
C ASP A 193 -11.89 1.00 -2.89
N TYR A 194 -11.34 1.59 -3.94
CA TYR A 194 -10.90 2.98 -3.86
C TYR A 194 -12.00 3.89 -4.36
N PHE A 195 -13.16 3.33 -4.70
CA PHE A 195 -14.24 4.08 -5.31
C PHE A 195 -14.56 5.42 -4.66
N ASN A 196 -14.62 5.41 -3.33
CA ASN A 196 -15.01 6.63 -2.64
C ASN A 196 -13.86 7.61 -2.54
N SER A 197 -12.63 7.14 -2.72
CA SER A 197 -11.51 8.05 -2.61
C SER A 197 -11.08 8.61 -3.96
N THR A 198 -11.64 8.08 -5.05
CA THR A 198 -11.22 8.46 -6.39
C THR A 198 -12.02 9.68 -6.85
N GLY A 199 -11.32 10.69 -7.37
CA GLY A 199 -11.95 11.86 -7.93
C GLY A 199 -11.85 11.96 -9.45
N VAL A 200 -12.44 13.02 -10.00
CA VAL A 200 -12.32 13.29 -11.43
C VAL A 200 -10.86 13.55 -11.72
N THR A 201 -10.33 12.86 -12.73
CA THR A 201 -8.90 12.88 -12.98
C THR A 201 -8.56 13.41 -14.39
N PHE A 202 -7.45 14.14 -14.46
CA PHE A 202 -6.98 14.74 -15.71
C PHE A 202 -5.52 14.47 -15.96
N GLY A 203 -5.13 14.44 -17.23
CA GLY A 203 -3.72 14.37 -17.55
C GLY A 203 -3.01 13.14 -17.01
N SER A 204 -1.92 13.38 -16.30
CA SER A 204 -1.11 12.33 -15.67
C SER A 204 -1.38 12.27 -14.18
N GLY A 205 -2.52 11.68 -13.86
CA GLY A 205 -3.04 11.53 -12.52
C GLY A 205 -3.38 12.70 -11.62
N VAL A 206 -3.88 13.77 -12.20
CA VAL A 206 -4.26 14.90 -11.37
C VAL A 206 -5.74 14.76 -10.98
N ASP A 207 -5.94 14.47 -9.71
CA ASP A 207 -7.23 14.10 -9.13
C ASP A 207 -7.75 15.32 -8.41
N LEU A 208 -8.96 15.72 -8.77
CA LEU A 208 -9.54 16.93 -8.23
C LEU A 208 -10.40 16.64 -7.01
N GLY A 209 -10.45 15.38 -6.61
CA GLY A 209 -11.39 14.97 -5.59
C GLY A 209 -11.22 15.70 -4.27
N GLN A 210 -9.97 15.94 -3.88
CA GLN A 210 -9.65 16.75 -2.70
C GLN A 210 -9.22 18.19 -2.98
N ARG A 211 -9.32 18.64 -4.22
CA ARG A 211 -8.81 19.95 -4.57
C ARG A 211 -9.92 20.88 -5.03
N SER A 212 -9.75 22.17 -4.73
CA SER A 212 -10.71 23.18 -5.16
C SER A 212 -10.01 24.05 -6.17
N LYS A 213 -10.77 24.95 -6.80
CA LYS A 213 -10.21 25.87 -7.77
C LYS A 213 -9.13 26.77 -7.21
N GLN A 214 -9.37 27.23 -5.98
CA GLN A 214 -8.47 28.14 -5.31
C GLN A 214 -7.14 27.42 -5.06
N ASP A 215 -7.24 26.13 -4.68
CA ASP A 215 -6.08 25.28 -4.49
C ASP A 215 -5.18 25.25 -5.72
N LEU A 216 -5.81 25.16 -6.89
CA LEU A 216 -5.08 25.04 -8.14
C LEU A 216 -4.40 26.35 -8.49
N LEU A 217 -5.15 27.43 -8.27
CA LEU A 217 -4.61 28.77 -8.46
C LEU A 217 -3.39 28.95 -7.57
N ASN A 218 -3.54 28.60 -6.30
CA ASN A 218 -2.42 28.68 -5.37
C ASN A 218 -1.20 27.92 -5.86
N ASP A 219 -1.42 26.78 -6.53
CA ASP A 219 -0.31 25.96 -7.02
C ASP A 219 0.24 26.45 -8.34
N GLY A 220 -0.36 27.52 -8.86
CA GLY A 220 0.14 28.22 -10.02
C GLY A 220 -0.54 27.84 -11.31
N VAL A 221 -1.61 27.06 -11.21
CA VAL A 221 -2.39 26.69 -12.38
C VAL A 221 -3.10 27.93 -12.90
N PRO A 222 -2.94 28.23 -14.20
CA PRO A 222 -3.55 29.35 -14.90
C PRO A 222 -5.06 29.38 -14.69
N GLN A 223 -5.58 30.59 -14.53
CA GLN A 223 -7.00 30.83 -14.37
C GLN A 223 -7.79 30.22 -15.51
N TYR A 224 -7.29 30.35 -16.73
CA TYR A 224 -8.01 29.84 -17.89
C TYR A 224 -8.19 28.32 -17.84
N ILE A 225 -7.20 27.62 -17.28
CA ILE A 225 -7.33 26.17 -17.12
C ILE A 225 -8.27 25.90 -15.94
N ALA A 226 -8.01 26.62 -14.84
CA ALA A 226 -8.76 26.45 -13.61
C ALA A 226 -10.27 26.71 -13.77
N ASP A 227 -10.61 27.73 -14.55
CA ASP A 227 -12.01 28.07 -14.80
C ASP A 227 -12.72 26.89 -15.46
N ARG A 228 -12.01 26.24 -16.38
CA ARG A 228 -12.57 25.12 -17.14
C ARG A 228 -13.02 23.95 -16.31
N LEU A 229 -12.41 23.77 -15.13
CA LEU A 229 -12.66 22.56 -14.36
C LEU A 229 -13.82 22.72 -13.41
N ASP A 230 -14.45 23.90 -13.46
CA ASP A 230 -15.58 24.18 -12.60
C ASP A 230 -16.59 23.07 -12.72
N GLY A 231 -17.05 22.59 -11.58
CA GLY A 231 -17.98 21.48 -11.53
C GLY A 231 -17.28 20.16 -11.36
N TYR A 232 -15.98 20.11 -11.64
CA TYR A 232 -15.23 18.87 -11.44
C TYR A 232 -14.50 18.84 -10.10
N TYR A 233 -14.45 20.00 -9.46
CA TYR A 233 -13.74 20.14 -8.19
C TYR A 233 -14.44 19.48 -7.03
N MET A 234 -13.66 18.84 -6.17
CA MET A 234 -14.14 18.34 -4.90
C MET A 234 -15.13 17.17 -5.00
N LEU A 235 -15.50 16.78 -6.22
CA LEU A 235 -16.36 15.60 -6.36
C LEU A 235 -15.52 14.36 -6.12
N ARG A 236 -16.08 13.51 -5.28
CA ARG A 236 -15.51 12.23 -5.00
C ARG A 236 -16.58 11.15 -5.07
N GLY A 237 -16.12 9.91 -5.19
CA GLY A 237 -16.98 8.75 -5.24
C GLY A 237 -18.09 8.84 -6.28
N LYS A 238 -19.32 8.55 -5.85
CA LYS A 238 -20.47 8.54 -6.76
C LYS A 238 -20.61 9.78 -7.63
N GLU A 239 -20.50 10.95 -7.00
CA GLU A 239 -20.68 12.22 -7.67
C GLU A 239 -19.63 12.49 -8.75
N ALA A 240 -18.40 12.08 -8.47
CA ALA A 240 -17.29 12.28 -9.41
C ALA A 240 -17.47 11.33 -10.58
N TYR A 241 -17.78 10.08 -10.22
CA TYR A 241 -18.06 9.00 -11.15
C TYR A 241 -19.17 9.38 -12.12
N ASP A 242 -20.29 9.79 -11.55
CA ASP A 242 -21.48 10.19 -12.27
C ASP A 242 -21.16 11.33 -13.21
N LYS A 243 -20.42 12.30 -12.69
CA LYS A 243 -20.07 13.51 -13.42
C LYS A 243 -19.28 13.16 -14.68
N VAL A 244 -18.36 12.20 -14.58
CA VAL A 244 -17.59 11.83 -15.76
C VAL A 244 -18.47 11.14 -16.82
N ARG A 245 -19.41 10.30 -16.39
CA ARG A 245 -20.36 9.63 -17.29
C ARG A 245 -21.35 10.60 -17.93
N THR A 246 -21.85 11.54 -17.13
CA THR A 246 -22.83 12.51 -17.61
C THR A 246 -22.23 13.71 -18.34
N ALA A 247 -21.12 14.25 -17.84
CA ALA A 247 -20.56 15.47 -18.41
C ALA A 247 -19.02 15.43 -18.41
N PRO A 248 -18.44 14.61 -19.29
CA PRO A 248 -16.97 14.56 -19.36
C PRO A 248 -16.42 15.85 -19.94
N LEU A 249 -15.14 16.09 -19.70
CA LEU A 249 -14.46 17.24 -20.24
C LEU A 249 -13.11 16.83 -20.80
N THR A 250 -12.81 17.26 -22.01
CA THR A 250 -11.50 16.97 -22.58
C THR A 250 -10.66 18.22 -22.67
N LEU A 251 -9.51 18.22 -22.00
CA LEU A 251 -8.55 19.31 -22.16
C LEU A 251 -7.73 19.13 -23.44
N SER A 252 -7.20 20.21 -23.99
CA SER A 252 -6.18 20.10 -25.02
C SER A 252 -4.95 19.47 -24.38
N ASP A 253 -4.11 18.78 -25.15
CA ASP A 253 -2.88 18.18 -24.62
C ASP A 253 -2.03 19.21 -23.91
N ASN A 254 -1.96 20.41 -24.49
CA ASN A 254 -1.15 21.48 -23.97
C ASN A 254 -1.61 21.86 -22.56
N GLU A 255 -2.90 22.10 -22.40
CA GLU A 255 -3.42 22.45 -21.08
C GLU A 255 -3.28 21.28 -20.10
N ALA A 256 -3.44 20.05 -20.58
CA ALA A 256 -3.38 18.90 -19.69
C ALA A 256 -1.93 18.63 -19.24
N HIS A 257 -0.97 18.86 -20.13
CA HIS A 257 0.45 18.76 -19.75
C HIS A 257 0.89 19.82 -18.78
N LEU A 258 0.42 21.03 -19.02
CA LEU A 258 0.71 22.17 -18.16
C LEU A 258 0.26 21.89 -16.74
N LEU A 259 -0.97 21.40 -16.61
CA LEU A 259 -1.58 21.07 -15.33
C LEU A 259 -0.85 19.93 -14.62
N SER A 260 -0.57 18.86 -15.37
CA SER A 260 0.12 17.68 -14.84
C SER A 260 1.50 18.05 -14.30
N ASN A 261 2.22 18.86 -15.07
CA ASN A 261 3.59 19.23 -14.75
C ASN A 261 3.71 20.07 -13.51
N ILE A 262 2.72 20.93 -13.31
CA ILE A 262 2.63 21.66 -12.06
C ILE A 262 2.59 20.67 -10.89
N TYR A 263 1.74 19.66 -10.99
CA TYR A 263 1.67 18.71 -9.89
C TYR A 263 2.84 17.73 -9.80
N ILE A 264 3.38 17.33 -10.95
CA ILE A 264 4.59 16.50 -10.94
C ILE A 264 5.72 17.24 -10.24
N ASP A 265 5.91 18.51 -10.61
CA ASP A 265 6.97 19.33 -10.05
C ASP A 265 6.75 19.62 -8.58
N LYS A 266 5.50 19.94 -8.23
CA LYS A 266 5.15 20.14 -6.83
C LYS A 266 5.51 18.96 -5.95
N PHE A 267 5.14 17.78 -6.46
CA PHE A 267 5.41 16.55 -5.75
C PHE A 267 6.91 16.24 -5.68
N SER A 268 7.59 16.45 -6.80
CA SER A 268 9.03 16.23 -6.91
C SER A 268 9.78 16.96 -5.80
N HIS A 269 9.40 18.21 -5.59
CA HIS A 269 9.96 19.04 -4.53
C HIS A 269 9.72 18.47 -3.13
N LYS A 270 8.64 17.74 -2.96
CA LYS A 270 8.43 17.04 -1.70
C LYS A 270 9.48 15.96 -1.49
N ILE A 271 9.71 15.18 -2.55
CA ILE A 271 10.69 14.08 -2.53
C ILE A 271 12.11 14.63 -2.34
N GLU A 272 12.38 15.71 -3.06
CA GLU A 272 13.65 16.43 -2.99
C GLU A 272 14.04 16.81 -1.57
N GLY A 273 13.08 17.39 -0.84
CA GLY A 273 13.30 17.83 0.52
C GLY A 273 13.67 16.70 1.46
N LEU A 274 12.97 15.59 1.37
CA LEU A 274 13.29 14.40 2.16
C LEU A 274 14.71 13.91 1.93
N PHE A 275 15.11 13.88 0.67
CA PHE A 275 16.42 13.41 0.30
C PHE A 275 17.47 14.33 0.89
N ASN A 276 17.26 15.63 0.70
CA ASN A 276 18.23 16.62 1.13
C ASN A 276 18.29 16.69 2.66
N ASP A 277 17.14 16.55 3.31
CA ASP A 277 17.10 16.58 4.77
C ASP A 277 17.84 15.38 5.35
N ALA A 278 17.99 14.33 4.55
CA ALA A 278 18.67 13.14 5.03
C ALA A 278 20.18 13.36 5.13
N ASN A 279 20.71 14.41 4.50
CA ASN A 279 22.15 14.73 4.59
C ASN A 279 23.07 13.57 4.27
N ILE A 280 22.82 12.99 3.10
CA ILE A 280 23.43 11.74 2.68
C ILE A 280 24.79 11.85 1.97
N GLY A 281 25.20 13.08 1.77
CA GLY A 281 26.46 13.37 1.15
C GLY A 281 26.30 13.85 -0.27
N LEU A 282 25.05 13.95 -0.76
CA LEU A 282 24.80 14.63 -2.02
C LEU A 282 23.36 15.10 -1.98
N ARG A 283 23.02 16.02 -2.87
CA ARG A 283 21.65 16.51 -2.94
C ARG A 283 20.91 15.84 -4.07
N PHE A 284 19.62 16.10 -4.12
CA PHE A 284 18.73 15.45 -5.06
C PHE A 284 19.13 15.88 -6.51
N CYS A 285 19.55 17.14 -6.70
CA CYS A 285 19.92 17.63 -8.04
C CYS A 285 21.13 16.97 -8.60
N ASP A 286 21.92 16.31 -7.76
CA ASP A 286 23.11 15.63 -8.23
C ASP A 286 22.84 14.25 -8.77
N LEU A 287 21.64 13.74 -8.54
CA LEU A 287 21.28 12.47 -9.12
C LEU A 287 20.96 12.68 -10.59
N PRO A 288 21.20 11.66 -11.41
CA PRO A 288 20.79 11.75 -12.81
C PRO A 288 19.27 11.88 -12.91
N LEU A 289 18.85 12.48 -14.01
CA LEU A 289 17.47 12.81 -14.29
C LEU A 289 16.49 11.63 -14.16
N ARG A 290 16.84 10.50 -14.78
CA ARG A 290 15.97 9.31 -14.79
C ARG A 290 15.76 8.68 -13.41
N THR A 291 16.81 8.70 -12.60
CA THR A 291 16.73 8.18 -11.25
C THR A 291 15.85 9.06 -10.36
N ARG A 292 16.00 10.37 -10.49
CA ARG A 292 15.13 11.33 -9.84
C ARG A 292 13.71 11.03 -10.26
N THR A 293 13.54 10.85 -11.58
CA THR A 293 12.25 10.47 -12.13
C THR A 293 11.66 9.19 -11.50
N ALA A 294 12.51 8.17 -11.36
CA ALA A 294 12.14 6.90 -10.76
C ALA A 294 11.66 7.09 -9.33
N LEU A 295 12.44 7.84 -8.57
CA LEU A 295 12.16 8.08 -7.15
C LEU A 295 10.82 8.80 -6.98
N VAL A 296 10.61 9.80 -7.83
CA VAL A 296 9.38 10.57 -7.81
C VAL A 296 8.15 9.77 -8.27
N SER A 297 8.34 8.89 -9.26
CA SER A 297 7.23 8.08 -9.77
C SER A 297 6.65 7.17 -8.70
N ILE A 298 7.54 6.46 -8.01
CA ILE A 298 7.11 5.57 -6.96
C ILE A 298 6.45 6.34 -5.81
N GLY A 299 7.04 7.49 -5.47
CA GLY A 299 6.46 8.38 -4.47
C GLY A 299 5.07 8.83 -4.87
N TYR A 300 4.90 9.16 -6.13
CA TYR A 300 3.64 9.72 -6.60
C TYR A 300 2.55 8.67 -6.46
N GLN A 301 2.92 7.42 -6.73
CA GLN A 301 2.02 6.28 -6.62
C GLN A 301 1.79 5.78 -5.20
N LYS A 302 2.87 5.60 -4.46
CA LYS A 302 2.78 4.98 -3.14
C LYS A 302 2.76 5.95 -1.97
N GLY A 303 2.78 7.25 -2.23
CA GLY A 303 2.93 8.20 -1.15
C GLY A 303 4.34 8.73 -1.00
N PHE A 304 4.47 9.98 -0.57
CA PHE A 304 5.72 10.73 -0.71
C PHE A 304 6.75 10.32 0.35
N LYS A 305 6.32 9.77 1.48
CA LYS A 305 7.31 9.55 2.52
C LYS A 305 7.81 8.15 2.22
N LEU A 306 9.00 8.09 1.62
CA LEU A 306 9.46 6.84 1.06
C LEU A 306 10.06 6.05 2.18
N SER A 307 10.48 6.76 3.24
CA SER A 307 10.96 6.08 4.43
C SER A 307 9.88 5.12 4.87
N ARG A 308 8.64 5.58 4.88
CA ARG A 308 7.55 4.66 5.14
C ARG A 308 6.99 3.96 3.90
N THR A 309 6.73 4.72 2.83
CA THR A 309 6.04 4.10 1.70
C THR A 309 6.93 3.22 0.83
N ALA A 310 8.23 3.46 0.79
CA ALA A 310 9.09 2.53 0.09
C ALA A 310 10.46 2.37 0.75
N PRO A 311 10.48 1.79 1.95
CA PRO A 311 11.68 1.64 2.81
C PRO A 311 12.84 0.97 2.09
N THR A 312 12.55 -0.09 1.32
CA THR A 312 13.62 -0.88 0.74
C THR A 312 14.29 -0.07 -0.38
N VAL A 313 13.51 0.76 -1.05
CA VAL A 313 14.01 1.72 -2.02
C VAL A 313 14.83 2.78 -1.31
N TRP A 314 14.19 3.38 -0.30
CA TRP A 314 14.80 4.46 0.47
C TRP A 314 16.13 4.12 1.08
N ASN A 315 16.23 2.92 1.62
CA ASN A 315 17.46 2.43 2.21
C ASN A 315 18.62 2.49 1.23
N LYS A 316 18.38 2.01 0.01
CA LYS A 316 19.39 1.94 -1.02
C LYS A 316 19.79 3.30 -1.57
N VAL A 317 18.81 4.20 -1.68
CA VAL A 317 19.05 5.57 -2.11
C VAL A 317 20.06 6.20 -1.15
N ILE A 318 19.71 6.21 0.14
CA ILE A 318 20.53 6.87 1.14
C ILE A 318 21.88 6.15 1.37
N ALA A 319 21.95 4.91 0.93
CA ALA A 319 23.20 4.17 0.95
C ALA A 319 24.02 4.40 -0.32
N LYS A 320 23.42 5.09 -1.30
CA LYS A 320 24.05 5.29 -2.61
C LYS A 320 24.46 3.97 -3.23
N ASP A 321 23.65 2.94 -3.02
CA ASP A 321 23.95 1.65 -3.61
C ASP A 321 23.02 1.54 -4.80
N TRP A 322 23.59 1.78 -5.98
CA TRP A 322 22.76 2.00 -7.17
C TRP A 322 22.32 0.65 -7.68
N ASN A 323 23.26 -0.29 -7.68
CA ASN A 323 22.93 -1.67 -7.99
C ASN A 323 21.88 -2.18 -7.00
N GLY A 324 22.11 -1.93 -5.71
CA GLY A 324 21.15 -2.28 -4.68
C GLY A 324 19.76 -1.68 -4.85
N LEU A 325 19.72 -0.45 -5.35
CA LEU A 325 18.47 0.28 -5.57
C LEU A 325 17.63 -0.37 -6.68
N VAL A 326 18.29 -0.71 -7.79
CA VAL A 326 17.63 -1.47 -8.86
C VAL A 326 16.97 -2.76 -8.40
N ASN A 327 17.75 -3.58 -7.70
CA ASN A 327 17.28 -4.83 -7.13
C ASN A 327 16.05 -4.60 -6.26
N ALA A 328 16.11 -3.57 -5.42
CA ALA A 328 15.02 -3.23 -4.52
C ALA A 328 13.74 -2.99 -5.31
N PHE A 329 13.80 -2.23 -6.40
CA PHE A 329 12.62 -1.98 -7.22
C PHE A 329 12.09 -3.31 -7.75
N ASN A 330 12.99 -4.19 -8.18
CA ASN A 330 12.60 -5.50 -8.74
C ASN A 330 11.96 -6.38 -7.68
N ASN A 331 12.29 -6.14 -6.42
CA ASN A 331 11.92 -7.03 -5.33
C ASN A 331 10.67 -6.61 -4.61
N ILE A 332 10.06 -5.52 -5.05
CA ILE A 332 8.83 -5.16 -4.41
C ILE A 332 7.69 -5.79 -5.19
N VAL A 333 6.83 -6.52 -4.48
CA VAL A 333 5.52 -6.85 -5.02
C VAL A 333 4.45 -6.09 -4.25
N ASP A 334 3.95 -5.02 -4.84
CA ASP A 334 2.76 -4.35 -4.36
C ASP A 334 1.53 -4.64 -5.21
N GLY A 335 1.70 -5.47 -6.24
CA GLY A 335 0.65 -5.69 -7.24
C GLY A 335 0.78 -4.61 -8.30
N MET A 336 1.72 -3.71 -8.06
CA MET A 336 2.11 -2.70 -9.04
C MET A 336 3.38 -3.05 -9.81
N SER A 337 3.82 -4.29 -9.62
CA SER A 337 5.19 -4.72 -9.94
C SER A 337 5.77 -4.35 -11.32
N ASP A 338 4.91 -4.25 -12.33
CA ASP A 338 5.37 -3.85 -13.65
C ASP A 338 5.98 -2.45 -13.74
N ARG A 339 5.31 -1.50 -13.10
CA ARG A 339 5.73 -0.13 -13.06
C ARG A 339 7.03 -0.07 -12.24
N ARG A 340 7.08 -0.77 -11.09
CA ARG A 340 8.30 -0.82 -10.26
C ARG A 340 9.52 -1.32 -11.04
N LYS A 341 9.29 -2.28 -11.92
CA LYS A 341 10.37 -2.79 -12.75
C LYS A 341 10.83 -1.75 -13.76
N ARG A 342 9.87 -1.02 -14.32
CA ARG A 342 10.19 0.09 -15.19
C ARG A 342 10.95 1.16 -14.44
N GLU A 343 10.61 1.39 -13.17
CA GLU A 343 11.37 2.35 -12.37
C GLU A 343 12.82 1.90 -12.19
N GLY A 344 13.01 0.67 -11.73
CA GLY A 344 14.34 0.10 -11.61
C GLY A 344 15.19 0.13 -12.89
N ALA A 345 14.54 0.02 -14.03
CA ALA A 345 15.20 0.01 -15.33
C ALA A 345 15.76 1.39 -15.67
N LEU A 346 15.04 2.42 -15.23
CA LEU A 346 15.52 3.79 -15.32
C LEU A 346 16.82 3.92 -14.57
N VAL A 347 16.83 3.38 -13.35
CA VAL A 347 18.03 3.44 -12.54
C VAL A 347 19.17 2.69 -13.23
N GLN A 348 18.84 1.51 -13.75
CA GLN A 348 19.79 0.64 -14.43
C GLN A 348 20.36 1.29 -15.68
N LYS A 349 19.55 2.12 -16.34
CA LYS A 349 20.02 2.85 -17.49
C LYS A 349 21.08 3.85 -17.12
N ASP A 350 20.84 4.54 -16.02
CA ASP A 350 21.80 5.50 -15.53
C ASP A 350 23.08 4.78 -15.18
N ILE A 351 22.95 3.56 -14.65
CA ILE A 351 24.15 2.77 -14.41
C ILE A 351 24.83 2.43 -15.74
N ASP A 352 24.06 1.87 -16.68
CA ASP A 352 24.58 1.47 -17.98
C ASP A 352 25.12 2.65 -18.80
N SER A 353 24.58 3.84 -18.55
CA SER A 353 25.01 5.04 -19.27
C SER A 353 26.23 5.68 -18.59
N GLY A 354 26.58 5.16 -17.42
CA GLY A 354 27.69 5.69 -16.64
C GLY A 354 27.31 6.94 -15.88
N LEU A 355 26.02 7.23 -15.76
CA LEU A 355 25.59 8.41 -15.01
C LEU A 355 25.67 8.06 -13.52
N LEU A 356 25.51 6.77 -13.23
CA LEU A 356 25.63 6.25 -11.88
C LEU A 356 26.82 5.29 -11.92
N LYS A 357 27.77 5.48 -11.02
CA LYS A 357 29.01 4.72 -11.05
C LYS A 357 29.79 4.95 -12.36
N VAL B 13 -35.79 -30.60 38.52
CA VAL B 13 -37.05 -31.29 38.28
C VAL B 13 -37.42 -31.29 36.79
N PRO B 14 -36.55 -31.92 35.96
CA PRO B 14 -36.45 -31.80 34.51
C PRO B 14 -37.69 -32.21 33.71
N ALA B 15 -38.65 -32.89 34.32
CA ALA B 15 -39.71 -33.57 33.57
C ALA B 15 -39.23 -34.57 32.49
N PHE B 16 -38.23 -34.23 31.69
CA PHE B 16 -37.90 -35.12 30.57
C PHE B 16 -36.46 -35.51 30.69
N LEU B 17 -36.15 -36.22 31.75
CA LEU B 17 -34.79 -36.35 32.23
C LEU B 17 -34.04 -37.42 31.43
N PHE B 18 -34.72 -38.52 31.17
CA PHE B 18 -34.13 -39.67 30.50
C PHE B 18 -34.39 -39.74 28.98
N SER B 19 -34.99 -38.67 28.45
CA SER B 19 -35.33 -38.57 27.03
C SER B 19 -34.11 -38.43 26.10
N GLY B 20 -34.29 -38.76 24.81
CA GLY B 20 -33.31 -38.47 23.78
C GLY B 20 -32.00 -39.23 23.94
N SER B 21 -30.90 -38.71 23.42
CA SER B 21 -29.62 -39.36 23.55
C SER B 21 -28.53 -38.41 24.00
N THR B 22 -27.44 -38.99 24.47
CA THR B 22 -26.31 -38.27 24.99
C THR B 22 -25.05 -38.64 24.22
N LEU B 23 -24.31 -37.63 23.81
CA LEU B 23 -23.04 -37.82 23.11
C LEU B 23 -21.84 -37.77 24.05
N SER B 24 -21.17 -38.90 24.20
CA SER B 24 -19.99 -38.95 25.04
C SER B 24 -18.92 -39.92 24.51
N SER B 25 -17.68 -39.46 24.49
CA SER B 25 -16.55 -40.31 24.14
C SER B 25 -16.16 -41.18 25.34
N TYR B 26 -16.54 -40.75 26.53
CA TYR B 26 -16.23 -41.50 27.76
C TYR B 26 -17.43 -42.41 28.04
N ARG B 27 -17.14 -43.67 28.28
CA ARG B 27 -18.16 -44.71 28.40
C ARG B 27 -18.93 -44.89 27.09
N ILE B 35 -25.31 -56.37 32.00
CA ILE B 35 -26.05 -56.28 33.25
C ILE B 35 -26.94 -55.03 33.36
N THR B 36 -27.89 -55.08 34.29
CA THR B 36 -28.80 -53.97 34.57
C THR B 36 -28.11 -52.72 35.08
N ILE B 37 -28.36 -51.61 34.40
CA ILE B 37 -27.81 -50.30 34.72
C ILE B 37 -28.61 -49.55 35.80
N ALA B 38 -29.86 -49.96 36.03
CA ALA B 38 -30.85 -49.10 36.68
C ALA B 38 -30.43 -48.61 38.08
N LEU B 39 -29.38 -49.22 38.64
CA LEU B 39 -28.76 -48.67 39.85
C LEU B 39 -27.87 -47.46 39.51
N PRO B 40 -27.99 -46.32 40.24
CA PRO B 40 -26.99 -45.30 40.12
C PRO B 40 -25.56 -45.73 40.41
N HIS B 41 -24.74 -45.26 39.45
CA HIS B 41 -23.30 -45.41 39.53
C HIS B 41 -22.67 -44.02 39.58
N TYR B 42 -21.61 -43.86 40.40
CA TYR B 42 -21.00 -42.55 40.55
C TYR B 42 -19.57 -42.57 40.04
N VAL B 43 -19.14 -41.46 39.43
CA VAL B 43 -17.77 -41.39 38.95
C VAL B 43 -17.16 -39.99 38.97
N ASP B 44 -15.84 -39.95 38.99
CA ASP B 44 -15.09 -38.73 38.76
C ASP B 44 -14.56 -38.78 37.36
N LEU B 45 -14.99 -37.79 36.59
CA LEU B 45 -14.60 -37.67 35.20
C LEU B 45 -13.10 -37.48 35.15
N PRO B 46 -12.41 -38.42 34.46
CA PRO B 46 -10.98 -38.70 34.62
C PRO B 46 -10.12 -37.44 34.52
N GLY B 47 -10.38 -36.63 33.50
CA GLY B 47 -9.53 -35.49 33.23
C GLY B 47 -9.77 -34.38 34.24
N ARG B 48 -10.84 -34.48 35.02
CA ARG B 48 -11.28 -33.36 35.83
C ARG B 48 -11.13 -33.62 37.32
N SER B 49 -11.40 -32.56 38.05
CA SER B 49 -11.69 -32.61 39.48
C SER B 49 -12.82 -31.63 39.73
N ASN B 50 -13.67 -31.96 40.69
CA ASN B 50 -14.95 -31.31 40.87
C ASN B 50 -15.78 -31.45 39.59
N PHE B 51 -15.52 -32.56 38.88
CA PHE B 51 -16.54 -33.08 38.00
C PHE B 51 -16.89 -34.51 38.40
N LYS B 52 -18.09 -34.62 38.98
CA LYS B 52 -18.64 -35.88 39.45
C LYS B 52 -19.95 -36.14 38.74
N LEU B 53 -20.06 -37.33 38.15
CA LEU B 53 -21.26 -37.71 37.44
C LEU B 53 -22.01 -38.82 38.15
N MET B 54 -23.32 -38.80 38.01
CA MET B 54 -24.17 -39.88 38.47
C MET B 54 -24.93 -40.40 37.25
N TYR B 55 -24.68 -41.67 36.93
CA TYR B 55 -25.41 -42.34 35.84
C TYR B 55 -26.70 -43.05 36.26
N ILE B 56 -27.81 -42.60 35.68
CA ILE B 56 -29.10 -43.26 35.85
C ILE B 56 -29.72 -43.63 34.53
N MET B 57 -30.11 -44.90 34.40
CA MET B 57 -30.69 -45.39 33.16
C MET B 57 -29.68 -45.27 32.01
N GLY B 58 -28.40 -45.27 32.35
CA GLY B 58 -27.35 -45.11 31.35
C GLY B 58 -27.10 -43.67 30.95
N PHE B 59 -27.67 -42.73 31.70
CA PHE B 59 -27.54 -41.32 31.34
C PHE B 59 -26.78 -40.54 32.41
N PRO B 60 -25.88 -39.67 31.98
CA PRO B 60 -25.06 -38.84 32.87
C PRO B 60 -25.90 -37.71 33.47
N ILE B 61 -25.69 -37.45 34.76
CA ILE B 61 -26.43 -36.42 35.48
C ILE B 61 -25.41 -35.62 36.28
N ASP B 62 -25.38 -34.31 36.02
CA ASP B 62 -24.51 -33.41 36.76
C ASP B 62 -25.30 -32.77 37.90
N THR B 63 -24.86 -33.01 39.12
CA THR B 63 -25.48 -32.43 40.30
C THR B 63 -24.46 -31.57 41.02
N GLU B 64 -24.90 -30.49 41.65
CA GLU B 64 -24.01 -29.67 42.44
C GLU B 64 -24.72 -29.33 43.76
N MET B 65 -23.94 -29.22 44.83
CA MET B 65 -24.49 -28.80 46.12
C MET B 65 -23.49 -27.96 46.91
N GLU B 66 -24.06 -27.04 47.69
CA GLU B 66 -23.38 -26.03 48.49
C GLU B 66 -22.42 -26.54 49.54
N LYS B 67 -22.99 -27.22 50.51
CA LYS B 67 -22.25 -27.86 51.56
C LYS B 67 -22.12 -29.31 51.30
N ASP B 68 -20.94 -29.83 51.62
CA ASP B 68 -20.46 -31.08 51.09
C ASP B 68 -21.31 -32.29 51.21
N SER B 69 -21.26 -33.06 50.13
CA SER B 69 -21.48 -34.48 50.09
C SER B 69 -20.40 -34.97 49.17
N GLU B 70 -19.94 -36.19 49.33
CA GLU B 70 -18.85 -36.59 48.49
C GLU B 70 -19.37 -37.14 47.17
N TYR B 71 -20.69 -37.24 47.03
CA TYR B 71 -21.22 -37.62 45.71
C TYR B 71 -21.70 -36.45 44.85
N SER B 72 -21.68 -35.23 45.38
CA SER B 72 -22.14 -34.11 44.59
C SER B 72 -20.99 -33.14 44.44
N ASN B 73 -21.06 -32.38 43.37
CA ASN B 73 -20.12 -31.31 43.08
C ASN B 73 -20.36 -30.03 43.85
N LYS B 74 -19.29 -29.25 43.99
CA LYS B 74 -19.44 -27.89 44.48
C LYS B 74 -20.18 -27.09 43.43
N ILE B 75 -20.80 -26.00 43.85
CA ILE B 75 -21.41 -25.07 42.90
C ILE B 75 -20.34 -24.52 41.96
N ARG B 76 -20.63 -24.47 40.66
CA ARG B 76 -19.65 -23.93 39.73
C ARG B 76 -19.99 -22.47 39.45
N GLN B 77 -18.95 -21.64 39.28
CA GLN B 77 -19.10 -20.23 38.94
C GLN B 77 -19.62 -19.99 37.54
N GLU B 78 -20.41 -18.94 37.40
CA GLU B 78 -20.92 -18.53 36.10
C GLU B 78 -19.88 -17.79 35.28
N SER B 79 -19.69 -18.25 34.05
CA SER B 79 -18.79 -17.61 33.11
C SER B 79 -19.26 -16.19 32.81
N LYS B 80 -18.31 -15.32 32.50
CA LYS B 80 -18.61 -13.93 32.15
C LYS B 80 -18.85 -13.78 30.65
N ILE B 81 -18.67 -14.88 29.92
CA ILE B 81 -18.86 -14.88 28.46
C ILE B 81 -20.30 -14.57 28.09
N SER B 82 -20.45 -13.66 27.14
CA SER B 82 -21.77 -13.23 26.71
C SER B 82 -22.57 -14.35 26.04
N LYS B 83 -23.76 -14.58 26.57
CA LYS B 83 -24.61 -15.65 26.08
C LYS B 83 -25.20 -15.24 24.75
N THR B 84 -25.38 -13.93 24.57
CA THR B 84 -25.90 -13.41 23.30
C THR B 84 -24.90 -13.20 22.16
N GLU B 85 -23.80 -12.49 22.43
CA GLU B 85 -22.78 -12.23 21.42
C GLU B 85 -21.46 -13.01 21.52
N GLY B 86 -21.28 -13.77 22.59
CA GLY B 86 -20.00 -14.31 22.93
C GLY B 86 -19.68 -15.59 22.19
N THR B 87 -18.48 -16.12 22.42
CA THR B 87 -18.09 -17.41 21.86
C THR B 87 -17.25 -18.17 22.87
N VAL B 88 -17.13 -19.48 22.65
CA VAL B 88 -16.11 -20.27 23.34
C VAL B 88 -15.08 -20.63 22.21
N CYS B 89 -13.77 -20.70 22.53
CA CYS B 89 -12.68 -20.99 21.58
C CYS B 89 -13.06 -22.30 20.87
N TYR B 90 -12.89 -22.30 19.55
CA TYR B 90 -13.25 -23.42 18.70
C TYR B 90 -12.30 -24.60 18.90
N GLU B 91 -11.24 -24.41 19.70
CA GLU B 91 -10.29 -25.49 20.00
C GLU B 91 -10.63 -26.27 21.30
N GLN B 92 -11.75 -25.89 21.92
CA GLN B 92 -12.13 -26.52 23.18
C GLN B 92 -13.30 -27.48 23.05
N LYS B 93 -13.27 -28.52 23.86
CA LYS B 93 -14.41 -29.38 24.02
C LYS B 93 -15.34 -28.73 25.00
N ILE B 94 -16.62 -29.01 24.87
CA ILE B 94 -17.59 -28.40 25.76
C ILE B 94 -18.50 -29.48 26.30
N THR B 95 -19.11 -29.18 27.43
CA THR B 95 -20.15 -30.02 27.95
C THR B 95 -21.47 -29.28 27.93
N VAL B 96 -22.50 -29.93 27.39
CA VAL B 96 -23.80 -29.31 27.29
C VAL B 96 -24.77 -30.04 28.19
N GLU B 97 -25.44 -29.27 29.05
CA GLU B 97 -26.33 -29.86 30.02
C GLU B 97 -27.66 -29.15 30.02
N THR B 98 -28.69 -29.87 30.42
CA THR B 98 -30.01 -29.29 30.50
C THR B 98 -30.66 -29.81 31.80
N GLY B 99 -31.26 -28.93 32.59
CA GLY B 99 -31.71 -29.30 33.93
C GLY B 99 -32.36 -28.18 34.71
N GLN B 100 -32.37 -28.28 36.04
CA GLN B 100 -32.98 -27.23 36.87
C GLN B 100 -32.11 -26.93 38.09
N GLU B 101 -32.27 -25.72 38.67
CA GLU B 101 -31.56 -25.40 39.90
C GLU B 101 -32.34 -24.38 40.75
N LYS B 102 -32.31 -24.62 42.06
CA LYS B 102 -32.77 -23.69 43.08
C LYS B 102 -32.02 -23.91 44.39
N ASP B 103 -31.74 -22.83 45.11
CA ASP B 103 -31.29 -22.86 46.49
C ASP B 103 -30.07 -23.75 46.74
N GLY B 104 -29.13 -23.71 45.79
CA GLY B 104 -27.92 -24.50 45.90
C GLY B 104 -28.15 -25.95 45.50
N VAL B 105 -29.25 -26.23 44.80
CA VAL B 105 -29.44 -27.60 44.33
C VAL B 105 -29.71 -27.56 42.85
N LYS B 106 -28.79 -28.17 42.12
CA LYS B 106 -28.78 -28.17 40.68
C LYS B 106 -28.65 -29.58 40.17
N VAL B 107 -29.53 -29.94 39.25
CA VAL B 107 -29.54 -31.28 38.70
C VAL B 107 -29.67 -31.08 37.22
N TYR B 108 -28.68 -31.56 36.48
CA TYR B 108 -28.63 -31.27 35.05
C TYR B 108 -28.33 -32.56 34.32
N ARG B 109 -29.12 -32.85 33.30
CA ARG B 109 -28.80 -33.94 32.39
C ARG B 109 -27.72 -33.51 31.42
N VAL B 110 -26.70 -34.34 31.25
CA VAL B 110 -25.65 -34.06 30.29
C VAL B 110 -26.07 -34.57 28.93
N MET B 111 -26.23 -33.65 27.99
CA MET B 111 -26.49 -33.96 26.60
C MET B 111 -25.26 -34.26 25.76
N VAL B 112 -24.21 -33.49 25.99
CA VAL B 112 -22.96 -33.69 25.30
C VAL B 112 -21.86 -33.61 26.35
N LEU B 113 -21.01 -34.62 26.40
CA LEU B 113 -19.94 -34.64 27.39
C LEU B 113 -18.56 -34.51 26.76
N GLU B 114 -17.96 -33.34 26.95
CA GLU B 114 -16.64 -33.06 26.37
C GLU B 114 -16.56 -33.41 24.89
N GLY B 115 -17.51 -32.87 24.13
CA GLY B 115 -17.50 -33.01 22.68
C GLY B 115 -17.00 -31.75 21.97
N THR B 116 -16.71 -31.90 20.68
CA THR B 116 -16.35 -30.75 19.88
C THR B 116 -17.58 -29.89 19.66
N ILE B 117 -17.35 -28.63 19.30
CA ILE B 117 -18.41 -27.68 19.00
C ILE B 117 -19.30 -28.24 17.91
N ALA B 118 -18.68 -28.63 16.79
CA ALA B 118 -19.42 -29.14 15.64
C ALA B 118 -20.26 -30.36 16.03
N GLU B 119 -19.66 -31.32 16.73
CA GLU B 119 -20.38 -32.48 17.26
C GLU B 119 -21.64 -32.07 18.04
N SER B 120 -21.46 -31.09 18.91
CA SER B 120 -22.54 -30.63 19.78
C SER B 120 -23.68 -30.04 18.96
N ILE B 121 -23.35 -29.21 17.98
CA ILE B 121 -24.36 -28.62 17.10
C ILE B 121 -25.20 -29.69 16.41
N GLU B 122 -24.51 -30.68 15.86
CA GLU B 122 -25.12 -31.76 15.11
C GLU B 122 -26.06 -32.55 16.02
N HIS B 123 -25.55 -32.87 17.21
CA HIS B 123 -26.27 -33.68 18.20
C HIS B 123 -27.54 -33.01 18.75
N LEU B 124 -27.45 -31.71 19.03
CA LEU B 124 -28.57 -30.96 19.61
C LEU B 124 -29.69 -30.70 18.61
N ASP B 125 -29.39 -30.91 17.34
CA ASP B 125 -30.36 -30.75 16.27
C ASP B 125 -31.22 -31.98 15.98
N LYS B 126 -30.92 -33.05 16.70
CA LYS B 126 -31.60 -34.32 16.57
C LYS B 126 -33.00 -34.33 17.15
N LYS B 127 -33.93 -34.99 16.46
CA LYS B 127 -35.31 -34.97 16.91
C LYS B 127 -35.52 -35.55 18.30
N GLU B 128 -34.90 -36.69 18.58
CA GLU B 128 -35.07 -37.31 19.90
C GLU B 128 -34.69 -36.37 21.06
N ASN B 129 -33.71 -35.47 20.87
CA ASN B 129 -33.30 -34.57 21.97
C ASN B 129 -34.18 -33.34 22.15
N GLU B 130 -35.04 -33.10 21.17
CA GLU B 130 -35.85 -31.89 21.09
C GLU B 130 -36.61 -31.61 22.40
N ASP B 131 -37.37 -32.60 22.84
CA ASP B 131 -38.29 -32.43 23.98
C ASP B 131 -37.61 -31.95 25.25
N ILE B 132 -36.47 -32.54 25.58
CA ILE B 132 -35.80 -32.16 26.82
C ILE B 132 -35.19 -30.78 26.64
N LEU B 133 -34.81 -30.44 25.41
CA LEU B 133 -34.18 -29.15 25.16
C LEU B 133 -35.15 -27.98 25.09
N ASN B 134 -36.31 -28.23 24.50
CA ASN B 134 -37.31 -27.19 24.38
C ASN B 134 -37.93 -26.94 25.72
N ASN B 135 -37.98 -28.02 26.50
CA ASN B 135 -38.72 -27.98 27.74
C ASN B 135 -37.86 -27.74 28.97
N ASN B 136 -36.56 -27.52 28.78
CA ASN B 136 -35.76 -27.18 29.93
C ASN B 136 -34.77 -26.02 29.73
N ARG B 137 -34.10 -25.63 30.82
CA ARG B 137 -33.05 -24.63 30.76
C ARG B 137 -31.74 -25.33 30.36
N ASN B 138 -31.07 -24.77 29.36
CA ASN B 138 -29.84 -25.32 28.82
C ASN B 138 -28.59 -24.52 29.19
N ARG B 139 -27.49 -25.21 29.50
CA ARG B 139 -26.26 -24.52 29.87
C ARG B 139 -25.05 -25.27 29.29
N ILE B 140 -23.94 -24.57 29.20
CA ILE B 140 -22.65 -25.17 28.86
C ILE B 140 -21.68 -25.18 30.03
N VAL B 141 -21.15 -26.34 30.35
CA VAL B 141 -20.02 -26.40 31.26
C VAL B 141 -18.71 -26.45 30.47
N LEU B 142 -17.94 -25.37 30.59
CA LEU B 142 -16.69 -25.22 29.87
C LEU B 142 -15.55 -26.03 30.49
N ALA B 143 -14.52 -26.29 29.69
CA ALA B 143 -13.35 -27.04 30.13
C ALA B 143 -12.72 -26.45 31.42
N ASP B 144 -12.87 -25.15 31.62
CA ASP B 144 -12.32 -24.49 32.80
C ASP B 144 -13.30 -24.65 33.96
N ASN B 145 -14.38 -25.38 33.70
CA ASN B 145 -15.42 -25.69 34.70
C ASN B 145 -16.40 -24.56 35.02
N THR B 146 -16.20 -23.38 34.43
CA THR B 146 -17.18 -22.32 34.52
C THR B 146 -18.33 -22.62 33.55
N VAL B 147 -19.49 -22.00 33.78
CA VAL B 147 -20.69 -22.28 33.00
C VAL B 147 -21.32 -21.03 32.36
N ILE B 148 -22.00 -21.27 31.24
CA ILE B 148 -22.74 -20.24 30.54
C ILE B 148 -24.15 -20.72 30.51
N ASN B 149 -25.01 -19.92 31.10
CA ASN B 149 -26.42 -20.27 31.18
C ASN B 149 -27.28 -19.65 30.09
N PHE B 150 -28.10 -20.46 29.43
CA PHE B 150 -28.90 -19.90 28.35
C PHE B 150 -30.37 -19.76 28.71
N ASP B 151 -30.97 -18.68 28.24
CA ASP B 151 -32.39 -18.41 28.48
C ASP B 151 -33.22 -19.43 27.71
N ASN B 152 -32.62 -20.03 26.69
CA ASN B 152 -33.29 -21.04 25.87
C ASN B 152 -32.29 -21.69 24.93
N ILE B 153 -32.71 -22.82 24.37
CA ILE B 153 -31.88 -23.65 23.52
C ILE B 153 -31.46 -22.95 22.24
N SER B 154 -32.32 -22.08 21.74
CA SER B 154 -32.04 -21.30 20.54
C SER B 154 -30.87 -20.35 20.75
N GLN B 155 -30.81 -19.77 21.94
CA GLN B 155 -29.72 -18.87 22.27
C GLN B 155 -28.42 -19.70 22.21
N LEU B 156 -28.44 -20.86 22.84
CA LEU B 156 -27.28 -21.75 22.90
C LEU B 156 -26.84 -22.27 21.53
N LYS B 157 -27.78 -22.66 20.67
CA LYS B 157 -27.39 -23.17 19.37
C LYS B 157 -26.69 -22.16 18.50
N GLU B 158 -27.16 -20.92 18.52
CA GLU B 158 -26.52 -19.86 17.75
C GLU B 158 -25.14 -19.56 18.29
N PHE B 159 -25.04 -19.64 19.62
CA PHE B 159 -23.79 -19.44 20.31
C PHE B 159 -22.84 -20.50 19.78
N LEU B 160 -23.32 -21.72 19.65
CA LEU B 160 -22.50 -22.78 19.09
C LEU B 160 -22.12 -22.45 17.64
N ARG B 161 -23.11 -22.01 16.86
CA ARG B 161 -22.89 -21.63 15.48
C ARG B 161 -21.90 -20.48 15.32
N ARG B 162 -22.00 -19.47 16.18
CA ARG B 162 -20.97 -18.43 16.19
C ARG B 162 -19.58 -18.96 16.52
N SER B 163 -19.50 -19.89 17.46
CA SER B 163 -18.21 -20.35 17.98
C SER B 163 -17.47 -21.23 16.98
N VAL B 164 -18.21 -21.93 16.12
CA VAL B 164 -17.61 -22.92 15.25
C VAL B 164 -16.91 -22.29 14.06
N ASN B 165 -17.38 -21.10 13.67
CA ASN B 165 -16.78 -20.36 12.56
C ASN B 165 -15.63 -19.49 13.02
N ILE B 166 -14.51 -19.59 12.31
CA ILE B 166 -13.34 -18.77 12.61
C ILE B 166 -13.58 -17.27 12.35
N VAL B 167 -14.29 -16.95 11.27
CA VAL B 167 -14.77 -15.59 11.06
C VAL B 167 -16.27 -15.62 10.73
N ASP B 168 -16.90 -14.45 10.76
CA ASP B 168 -18.31 -14.38 10.48
C ASP B 168 -18.41 -14.14 8.97
N HIS B 169 -18.87 -15.17 8.27
CA HIS B 169 -18.83 -15.20 6.81
C HIS B 169 -19.83 -14.27 6.17
N ASP B 170 -20.95 -14.03 6.87
CA ASP B 170 -21.99 -13.15 6.37
C ASP B 170 -21.54 -11.70 6.41
N ILE B 171 -20.85 -11.31 7.47
CA ILE B 171 -20.28 -9.97 7.55
C ILE B 171 -19.19 -9.84 6.49
N PHE B 172 -18.36 -10.87 6.39
CA PHE B 172 -17.23 -10.86 5.47
C PHE B 172 -17.68 -10.62 4.04
N SER B 173 -18.76 -11.29 3.67
CA SER B 173 -19.28 -11.25 2.31
C SER B 173 -20.29 -10.15 2.14
N SER B 174 -20.55 -9.39 3.21
CA SER B 174 -21.47 -8.29 3.06
C SER B 174 -20.78 -7.19 2.26
N ASN B 175 -21.61 -6.33 1.66
CA ASN B 175 -21.11 -5.27 0.80
C ASN B 175 -20.24 -4.29 1.55
N GLY B 176 -20.46 -4.23 2.86
CA GLY B 176 -19.71 -3.37 3.73
C GLY B 176 -18.26 -3.78 3.81
N PHE B 177 -17.96 -5.05 3.55
CA PHE B 177 -16.56 -5.42 3.66
C PHE B 177 -15.99 -6.00 2.39
N GLU B 178 -16.11 -7.30 2.19
CA GLU B 178 -15.50 -7.87 1.01
C GLU B 178 -16.54 -8.02 -0.09
N GLY B 179 -17.80 -7.87 0.27
CA GLY B 179 -18.85 -8.02 -0.71
C GLY B 179 -19.00 -9.44 -1.22
N PHE B 180 -20.06 -9.62 -1.98
CA PHE B 180 -20.33 -10.87 -2.64
C PHE B 180 -20.88 -10.64 -4.03
N ASN B 181 -20.19 -11.18 -5.01
CA ASN B 181 -20.63 -11.11 -6.39
C ASN B 181 -20.46 -12.49 -7.03
N PRO B 182 -21.52 -13.33 -7.03
CA PRO B 182 -21.40 -14.68 -7.60
C PRO B 182 -21.01 -14.69 -9.08
N THR B 183 -21.09 -13.54 -9.74
CA THR B 183 -20.74 -13.45 -11.16
C THR B 183 -19.26 -13.12 -11.36
N SER B 184 -18.65 -13.80 -12.35
CA SER B 184 -17.26 -13.57 -12.70
C SER B 184 -17.08 -12.07 -12.94
N HIS B 185 -16.14 -11.46 -12.21
CA HIS B 185 -15.90 -10.05 -12.40
C HIS B 185 -14.42 -9.72 -12.41
N PHE B 186 -14.11 -8.56 -12.99
CA PHE B 186 -12.75 -8.11 -13.06
C PHE B 186 -12.74 -6.75 -12.35
N PRO B 187 -12.45 -6.75 -11.04
CA PRO B 187 -12.66 -5.47 -10.33
C PRO B 187 -11.52 -4.48 -10.54
N SER B 188 -11.16 -4.23 -11.79
CA SER B 188 -10.19 -3.20 -12.11
C SER B 188 -10.34 -2.80 -13.55
N ASN B 189 -9.57 -1.79 -13.93
CA ASN B 189 -9.50 -1.32 -15.31
C ASN B 189 -8.12 -0.99 -15.86
N PRO B 190 -7.96 -0.97 -17.20
CA PRO B 190 -6.65 -0.72 -17.82
C PRO B 190 -6.05 0.58 -17.30
N SER B 191 -6.95 1.50 -16.97
CA SER B 191 -6.54 2.80 -16.45
C SER B 191 -5.92 2.60 -15.06
N SER B 192 -6.52 1.70 -14.27
CA SER B 192 -6.16 1.58 -12.86
C SER B 192 -4.75 1.04 -12.67
N ASP B 193 -4.20 1.38 -11.51
CA ASP B 193 -2.87 0.96 -11.10
C ASP B 193 -2.70 -0.55 -11.13
N TYR B 194 -3.72 -1.26 -10.66
CA TYR B 194 -3.64 -2.69 -10.41
C TYR B 194 -4.07 -3.55 -11.58
N PHE B 195 -4.35 -2.92 -12.72
CA PHE B 195 -4.91 -3.64 -13.85
C PHE B 195 -4.18 -4.93 -14.17
N ASN B 196 -2.85 -4.90 -14.13
CA ASN B 196 -2.07 -6.06 -14.54
C ASN B 196 -1.98 -7.19 -13.52
N SER B 197 -2.22 -6.87 -12.26
CA SER B 197 -2.10 -7.88 -11.22
C SER B 197 -3.45 -8.52 -10.89
N THR B 198 -4.51 -8.01 -11.50
CA THR B 198 -5.87 -8.45 -11.20
C THR B 198 -6.27 -9.64 -12.09
N GLY B 199 -6.83 -10.67 -11.46
CA GLY B 199 -7.36 -11.81 -12.19
C GLY B 199 -8.87 -11.89 -12.18
N VAL B 200 -9.43 -12.89 -12.86
CA VAL B 200 -10.85 -13.17 -12.80
C VAL B 200 -11.25 -13.48 -11.36
N THR B 201 -12.29 -12.81 -10.88
CA THR B 201 -12.70 -12.87 -9.48
C THR B 201 -14.15 -13.38 -9.31
N PHE B 202 -14.37 -14.13 -8.23
CA PHE B 202 -15.68 -14.74 -7.94
C PHE B 202 -16.09 -14.56 -6.50
N GLY B 203 -17.40 -14.51 -6.26
CA GLY B 203 -17.87 -14.47 -4.90
C GLY B 203 -17.34 -13.29 -4.10
N SER B 204 -16.75 -13.60 -2.97
CA SER B 204 -16.16 -12.58 -2.12
C SER B 204 -14.64 -12.52 -2.29
N GLY B 205 -14.22 -11.91 -3.41
CA GLY B 205 -12.82 -11.77 -3.78
C GLY B 205 -11.89 -12.95 -4.03
N VAL B 206 -12.39 -14.02 -4.65
CA VAL B 206 -11.50 -15.12 -4.97
C VAL B 206 -10.94 -14.89 -6.36
N ASP B 207 -9.65 -14.59 -6.39
CA ASP B 207 -8.93 -14.13 -7.57
C ASP B 207 -8.12 -15.29 -8.09
N LEU B 208 -8.34 -15.60 -9.35
CA LEU B 208 -7.71 -16.77 -9.92
C LEU B 208 -6.40 -16.44 -10.62
N GLY B 209 -5.99 -15.18 -10.54
CA GLY B 209 -4.87 -14.73 -11.36
C GLY B 209 -3.56 -15.45 -11.11
N GLN B 210 -3.27 -15.72 -9.83
CA GLN B 210 -2.12 -16.54 -9.49
C GLN B 210 -2.42 -17.99 -9.14
N ARG B 211 -3.66 -18.41 -9.31
CA ARG B 211 -4.02 -19.74 -8.88
C ARG B 211 -4.42 -20.60 -10.06
N SER B 212 -4.15 -21.88 -9.91
CA SER B 212 -4.45 -22.88 -10.92
C SER B 212 -5.50 -23.82 -10.36
N LYS B 213 -6.12 -24.56 -11.24
CA LYS B 213 -7.13 -25.52 -10.85
C LYS B 213 -6.70 -26.54 -9.81
N GLN B 214 -5.48 -27.02 -9.89
CA GLN B 214 -5.00 -27.96 -8.91
C GLN B 214 -4.91 -27.34 -7.52
N ASP B 215 -4.44 -26.11 -7.50
CA ASP B 215 -4.35 -25.34 -6.27
C ASP B 215 -5.73 -25.29 -5.62
N LEU B 216 -6.77 -25.11 -6.42
CA LEU B 216 -8.13 -25.01 -5.89
C LEU B 216 -8.61 -26.36 -5.38
N LEU B 217 -8.31 -27.41 -6.15
CA LEU B 217 -8.62 -28.76 -5.73
C LEU B 217 -7.94 -29.04 -4.39
N ASN B 218 -6.64 -28.75 -4.32
CA ASN B 218 -5.85 -28.92 -3.10
C ASN B 218 -6.44 -28.25 -1.87
N ASP B 219 -7.07 -27.12 -2.07
CA ASP B 219 -7.61 -26.36 -0.97
C ASP B 219 -8.98 -26.93 -0.60
N GLY B 220 -9.40 -27.95 -1.33
CA GLY B 220 -10.61 -28.66 -0.97
C GLY B 220 -11.82 -28.30 -1.78
N VAL B 221 -11.64 -27.44 -2.77
CA VAL B 221 -12.74 -27.04 -3.63
C VAL B 221 -13.25 -28.19 -4.49
N PRO B 222 -14.58 -28.43 -4.46
CA PRO B 222 -15.21 -29.51 -5.23
C PRO B 222 -14.95 -29.41 -6.73
N GLN B 223 -14.72 -30.55 -7.36
CA GLN B 223 -14.46 -30.60 -8.79
C GLN B 223 -15.46 -29.93 -9.70
N TYR B 224 -16.75 -30.13 -9.38
CA TYR B 224 -17.84 -29.62 -10.20
C TYR B 224 -17.88 -28.07 -10.24
N ILE B 225 -17.53 -27.40 -9.13
CA ILE B 225 -17.49 -25.95 -9.15
C ILE B 225 -16.33 -25.45 -9.89
N ALA B 226 -15.25 -26.08 -9.47
CA ALA B 226 -13.96 -25.80 -9.93
C ALA B 226 -13.92 -26.05 -11.47
N ASP B 227 -14.70 -27.02 -12.02
CA ASP B 227 -14.70 -27.38 -13.47
C ASP B 227 -15.29 -26.22 -14.26
N ARG B 228 -16.28 -25.56 -13.65
CA ARG B 228 -17.00 -24.46 -14.28
C ARG B 228 -16.07 -23.26 -14.54
N LEU B 229 -14.97 -23.21 -13.79
CA LEU B 229 -14.00 -22.11 -13.77
C LEU B 229 -12.83 -22.28 -14.73
N ASP B 230 -12.88 -23.35 -15.51
CA ASP B 230 -11.77 -23.81 -16.35
C ASP B 230 -11.08 -22.73 -17.19
N GLY B 231 -11.85 -21.84 -17.78
CA GLY B 231 -11.31 -20.80 -18.65
C GLY B 231 -10.89 -19.52 -17.94
N TYR B 232 -11.18 -19.41 -16.65
CA TYR B 232 -10.85 -18.20 -15.90
C TYR B 232 -9.54 -18.21 -15.07
N TYR B 233 -8.88 -19.36 -15.00
CA TYR B 233 -7.64 -19.51 -14.22
C TYR B 233 -6.42 -18.81 -14.80
N MET B 234 -5.60 -18.20 -13.92
CA MET B 234 -4.27 -17.70 -14.27
C MET B 234 -4.23 -16.49 -15.19
N LEU B 235 -5.40 -16.06 -15.63
CA LEU B 235 -5.49 -14.87 -16.43
C LEU B 235 -5.28 -13.64 -15.55
N ARG B 236 -4.50 -12.70 -16.05
CA ARG B 236 -4.28 -11.46 -15.34
C ARG B 236 -4.26 -10.32 -16.32
N GLY B 237 -4.47 -9.11 -15.80
CA GLY B 237 -4.44 -7.92 -16.62
C GLY B 237 -5.32 -8.03 -17.84
N LYS B 238 -4.74 -7.71 -18.98
CA LYS B 238 -5.46 -7.65 -20.24
C LYS B 238 -6.29 -8.91 -20.52
N GLU B 239 -5.68 -10.07 -20.35
CA GLU B 239 -6.32 -11.34 -20.66
C GLU B 239 -7.54 -11.64 -19.76
N ALA B 240 -7.43 -11.30 -18.49
CA ALA B 240 -8.52 -11.49 -17.54
C ALA B 240 -9.71 -10.57 -17.77
N TYR B 241 -9.39 -9.29 -17.89
CA TYR B 241 -10.36 -8.23 -18.17
C TYR B 241 -11.20 -8.56 -19.40
N ASP B 242 -10.54 -8.88 -20.51
CA ASP B 242 -11.22 -9.28 -21.75
C ASP B 242 -12.15 -10.46 -21.51
N LYS B 243 -11.62 -11.49 -20.87
CA LYS B 243 -12.33 -12.75 -20.61
C LYS B 243 -13.62 -12.54 -19.82
N VAL B 244 -13.57 -11.65 -18.84
CA VAL B 244 -14.74 -11.31 -18.03
C VAL B 244 -15.80 -10.63 -18.88
N ARG B 245 -15.35 -9.77 -19.80
CA ARG B 245 -16.25 -9.10 -20.75
C ARG B 245 -16.87 -10.12 -21.75
N THR B 246 -16.04 -11.03 -22.28
CA THR B 246 -16.48 -11.96 -23.33
C THR B 246 -17.26 -13.17 -22.85
N ALA B 247 -16.87 -13.72 -21.72
CA ALA B 247 -17.53 -14.92 -21.26
C ALA B 247 -17.69 -14.89 -19.75
N PRO B 248 -18.57 -14.00 -19.27
CA PRO B 248 -18.82 -13.95 -17.84
C PRO B 248 -19.57 -15.20 -17.42
N LEU B 249 -19.40 -15.54 -16.15
CA LEU B 249 -20.09 -16.68 -15.62
C LEU B 249 -20.67 -16.31 -14.29
N THR B 250 -21.95 -16.62 -14.11
CA THR B 250 -22.58 -16.36 -12.85
C THR B 250 -22.78 -17.69 -12.14
N LEU B 251 -22.10 -17.83 -11.01
CA LEU B 251 -22.26 -18.99 -10.17
C LEU B 251 -23.54 -18.81 -9.38
N SER B 252 -24.12 -19.91 -8.94
CA SER B 252 -25.20 -19.82 -7.98
C SER B 252 -24.65 -19.19 -6.71
N ASP B 253 -25.54 -18.53 -5.97
CA ASP B 253 -25.22 -17.91 -4.70
C ASP B 253 -24.61 -18.96 -3.82
N ASN B 254 -25.16 -20.16 -3.93
CA ASN B 254 -24.74 -21.30 -3.13
C ASN B 254 -23.29 -21.73 -3.41
N GLU B 255 -22.97 -21.90 -4.69
CA GLU B 255 -21.62 -22.30 -5.12
C GLU B 255 -20.58 -21.21 -4.86
N ALA B 256 -20.98 -19.97 -5.06
CA ALA B 256 -20.09 -18.83 -4.87
C ALA B 256 -19.75 -18.60 -3.40
N HIS B 257 -20.70 -18.91 -2.52
CA HIS B 257 -20.48 -18.81 -1.09
C HIS B 257 -19.50 -19.88 -0.62
N LEU B 258 -19.64 -21.08 -1.17
CA LEU B 258 -18.76 -22.20 -0.89
C LEU B 258 -17.30 -21.93 -1.22
N LEU B 259 -17.07 -21.46 -2.44
CA LEU B 259 -15.74 -21.12 -2.94
C LEU B 259 -15.06 -20.01 -2.15
N SER B 260 -15.82 -18.95 -1.89
CA SER B 260 -15.31 -17.83 -1.13
C SER B 260 -14.88 -18.29 0.26
N ASN B 261 -15.70 -19.14 0.85
CA ASN B 261 -15.49 -19.60 2.22
C ASN B 261 -14.27 -20.49 2.45
N ILE B 262 -13.99 -21.34 1.47
CA ILE B 262 -12.78 -22.13 1.49
C ILE B 262 -11.59 -21.20 1.59
N TYR B 263 -11.56 -20.14 0.79
CA TYR B 263 -10.43 -19.22 0.82
C TYR B 263 -10.41 -18.25 2.00
N ILE B 264 -11.58 -17.84 2.46
CA ILE B 264 -11.68 -17.05 3.67
C ILE B 264 -11.09 -17.84 4.82
N ASP B 265 -11.48 -19.10 4.93
CA ASP B 265 -10.97 -19.93 6.00
C ASP B 265 -9.49 -20.22 5.90
N LYS B 266 -9.03 -20.49 4.68
CA LYS B 266 -7.61 -20.69 4.45
C LYS B 266 -6.76 -19.51 4.88
N PHE B 267 -7.23 -18.35 4.47
CA PHE B 267 -6.58 -17.12 4.81
C PHE B 267 -6.65 -16.92 6.34
N SER B 268 -7.81 -17.23 6.91
CA SER B 268 -8.03 -17.07 8.35
C SER B 268 -7.05 -17.86 9.18
N HIS B 269 -6.83 -19.10 8.77
CA HIS B 269 -5.85 -19.96 9.42
C HIS B 269 -4.41 -19.48 9.33
N LYS B 270 -4.07 -18.81 8.23
CA LYS B 270 -2.78 -18.16 8.13
C LYS B 270 -2.62 -17.12 9.23
N ILE B 271 -3.63 -16.28 9.39
CA ILE B 271 -3.58 -15.22 10.39
C ILE B 271 -3.55 -15.82 11.80
N GLU B 272 -4.38 -16.83 12.04
CA GLU B 272 -4.38 -17.54 13.30
C GLU B 272 -3.00 -18.05 13.74
N GLY B 273 -2.29 -18.68 12.81
CA GLY B 273 -0.97 -19.24 13.05
C GLY B 273 0.04 -18.19 13.46
N LEU B 274 -0.01 -17.11 12.69
CA LEU B 274 0.81 -15.96 12.91
C LEU B 274 0.58 -15.37 14.30
N PHE B 275 -0.69 -15.20 14.65
CA PHE B 275 -1.13 -14.64 15.93
C PHE B 275 -0.58 -15.47 17.09
N ASN B 276 -0.76 -16.78 16.96
CA ASN B 276 -0.41 -17.73 18.00
C ASN B 276 1.10 -17.88 18.14
N ASP B 277 1.83 -17.76 17.04
CA ASP B 277 3.29 -17.85 17.06
C ASP B 277 3.88 -16.66 17.81
N ALA B 278 3.12 -15.57 17.83
CA ALA B 278 3.51 -14.34 18.50
C ALA B 278 3.49 -14.45 20.04
N ASN B 279 2.84 -15.49 20.58
CA ASN B 279 2.82 -15.70 22.03
C ASN B 279 2.34 -14.50 22.83
N ILE B 280 1.14 -14.05 22.51
CA ILE B 280 0.64 -12.78 23.04
C ILE B 280 0.02 -12.95 24.42
N GLY B 281 -0.20 -14.20 24.82
CA GLY B 281 -0.83 -14.47 26.10
C GLY B 281 -2.26 -14.93 25.91
N LEU B 282 -2.68 -15.03 24.65
CA LEU B 282 -3.95 -15.67 24.34
C LEU B 282 -3.89 -16.20 22.92
N ARG B 283 -4.76 -17.14 22.61
CA ARG B 283 -4.74 -17.68 21.27
C ARG B 283 -5.79 -16.96 20.44
N PHE B 284 -5.78 -17.22 19.13
CA PHE B 284 -6.65 -16.50 18.24
C PHE B 284 -8.12 -16.86 18.54
N CYS B 285 -8.37 -18.14 18.90
CA CYS B 285 -9.73 -18.59 19.20
C CYS B 285 -10.26 -17.90 20.42
N ASP B 286 -9.40 -17.30 21.25
CA ASP B 286 -9.92 -16.63 22.44
C ASP B 286 -10.40 -15.22 22.14
N LEU B 287 -10.13 -14.74 20.94
CA LEU B 287 -10.66 -13.45 20.56
C LEU B 287 -12.11 -13.62 20.17
N PRO B 288 -12.92 -12.57 20.39
CA PRO B 288 -14.32 -12.54 19.96
C PRO B 288 -14.43 -12.61 18.43
N LEU B 289 -15.55 -13.16 17.94
CA LEU B 289 -15.77 -13.41 16.53
C LEU B 289 -15.58 -12.18 15.64
N ARG B 290 -16.15 -11.06 16.03
CA ARG B 290 -16.10 -9.86 15.21
C ARG B 290 -14.71 -9.29 15.07
N THR B 291 -13.93 -9.37 16.15
CA THR B 291 -12.56 -8.88 16.11
C THR B 291 -11.67 -9.75 15.23
N ARG B 292 -11.84 -11.07 15.33
CA ARG B 292 -11.20 -12.01 14.42
C ARG B 292 -11.55 -11.70 12.97
N THR B 293 -12.85 -11.50 12.75
CA THR B 293 -13.38 -11.14 11.45
C THR B 293 -12.72 -9.89 10.84
N ALA B 294 -12.59 -8.86 11.67
CA ALA B 294 -11.96 -7.60 11.31
C ALA B 294 -10.50 -7.79 10.87
N LEU B 295 -9.74 -8.50 11.69
CA LEU B 295 -8.32 -8.76 11.43
C LEU B 295 -8.12 -9.48 10.10
N VAL B 296 -8.97 -10.48 9.86
CA VAL B 296 -8.90 -11.26 8.64
C VAL B 296 -9.32 -10.41 7.43
N SER B 297 -10.32 -9.56 7.61
CA SER B 297 -10.81 -8.73 6.51
C SER B 297 -9.70 -7.84 6.01
N ILE B 298 -8.99 -7.21 6.94
CA ILE B 298 -7.88 -6.36 6.53
C ILE B 298 -6.75 -7.18 5.90
N GLY B 299 -6.45 -8.32 6.52
CA GLY B 299 -5.48 -9.26 5.98
C GLY B 299 -5.83 -9.76 4.60
N TYR B 300 -7.12 -10.05 4.38
CA TYR B 300 -7.57 -10.67 3.14
C TYR B 300 -7.36 -9.75 1.98
N GLN B 301 -7.57 -8.48 2.25
CA GLN B 301 -7.40 -7.40 1.30
C GLN B 301 -5.94 -6.96 1.08
N LYS B 302 -5.21 -6.77 2.17
CA LYS B 302 -3.86 -6.21 2.13
C LYS B 302 -2.65 -7.16 2.14
N GLY B 303 -2.90 -8.47 2.21
CA GLY B 303 -1.83 -9.43 2.38
C GLY B 303 -1.76 -9.94 3.81
N PHE B 304 -1.39 -11.20 3.97
CA PHE B 304 -1.66 -11.89 5.23
C PHE B 304 -0.71 -11.55 6.35
N LYS B 305 0.49 -11.07 6.02
CA LYS B 305 1.44 -10.86 7.08
C LYS B 305 1.21 -9.41 7.50
N LEU B 306 0.51 -9.25 8.62
CA LEU B 306 -0.04 -7.95 8.99
C LEU B 306 1.06 -7.15 9.63
N SER B 307 2.04 -7.87 10.17
CA SER B 307 3.24 -7.23 10.71
C SER B 307 3.89 -6.39 9.58
N ARG B 308 3.76 -6.86 8.34
CA ARG B 308 4.26 -6.11 7.18
C ARG B 308 3.12 -5.32 6.54
N THR B 309 2.02 -5.98 6.18
CA THR B 309 0.93 -5.32 5.49
C THR B 309 0.07 -4.30 6.27
N ALA B 310 -0.03 -4.43 7.59
CA ALA B 310 -0.72 -3.43 8.41
C ALA B 310 -0.06 -3.28 9.80
N PRO B 311 1.18 -2.75 9.84
CA PRO B 311 1.98 -2.71 11.09
C PRO B 311 1.28 -2.08 12.28
N THR B 312 0.57 -0.96 12.10
CA THR B 312 -0.02 -0.26 13.24
C THR B 312 -1.08 -1.12 13.89
N VAL B 313 -1.88 -1.80 13.08
CA VAL B 313 -2.84 -2.76 13.60
C VAL B 313 -2.17 -3.89 14.35
N TRP B 314 -1.20 -4.55 13.70
CA TRP B 314 -0.54 -5.71 14.28
C TRP B 314 0.09 -5.43 15.62
N ASN B 315 0.76 -4.29 15.73
CA ASN B 315 1.45 -3.92 16.94
C ASN B 315 0.47 -3.81 18.08
N LYS B 316 -0.70 -3.25 17.79
CA LYS B 316 -1.73 -3.09 18.80
C LYS B 316 -2.35 -4.42 19.22
N VAL B 317 -2.57 -5.30 18.24
CA VAL B 317 -3.06 -6.65 18.48
C VAL B 317 -2.17 -7.41 19.46
N ILE B 318 -0.88 -7.47 19.13
CA ILE B 318 0.05 -8.28 19.91
C ILE B 318 0.37 -7.64 21.27
N ALA B 319 0.00 -6.37 21.40
CA ALA B 319 0.09 -5.66 22.67
C ALA B 319 -1.21 -5.80 23.46
N LYS B 320 -2.23 -6.40 22.84
CA LYS B 320 -3.56 -6.53 23.44
C LYS B 320 -4.10 -5.18 23.88
N ASP B 321 -3.79 -4.15 23.11
CA ASP B 321 -4.30 -2.82 23.43
C ASP B 321 -5.43 -2.59 22.44
N TRP B 322 -6.66 -2.75 22.93
CA TRP B 322 -7.83 -2.87 22.07
C TRP B 322 -8.28 -1.51 21.57
N ASN B 323 -8.25 -0.53 22.47
CA ASN B 323 -8.52 0.85 22.11
C ASN B 323 -7.53 1.36 21.08
N GLY B 324 -6.26 1.02 21.26
CA GLY B 324 -5.26 1.38 20.28
C GLY B 324 -5.54 0.77 18.91
N LEU B 325 -6.06 -0.44 18.91
CA LEU B 325 -6.37 -1.15 17.66
C LEU B 325 -7.47 -0.48 16.82
N VAL B 326 -8.62 -0.14 17.43
CA VAL B 326 -9.66 0.61 16.72
C VAL B 326 -9.08 1.89 16.09
N ASN B 327 -8.36 2.67 16.91
CA ASN B 327 -7.73 3.91 16.44
C ASN B 327 -6.80 3.63 15.29
N ALA B 328 -6.08 2.52 15.37
CA ALA B 328 -5.16 2.14 14.31
C ALA B 328 -5.96 1.93 13.04
N PHE B 329 -7.10 1.25 13.16
CA PHE B 329 -7.98 1.04 12.01
C PHE B 329 -8.47 2.39 11.49
N ASN B 330 -8.86 3.27 12.42
CA ASN B 330 -9.35 4.60 12.07
C ASN B 330 -8.28 5.50 11.43
N ASN B 331 -7.03 5.25 11.77
CA ASN B 331 -5.92 6.10 11.35
C ASN B 331 -5.18 5.62 10.12
N ILE B 332 -5.61 4.50 9.55
CA ILE B 332 -4.96 4.02 8.34
C ILE B 332 -5.46 4.85 7.16
N VAL B 333 -4.52 5.35 6.37
CA VAL B 333 -4.89 5.74 5.02
C VAL B 333 -4.25 4.88 3.94
N ASP B 334 -5.05 3.96 3.41
CA ASP B 334 -4.78 3.26 2.18
C ASP B 334 -5.66 3.72 0.98
N GLY B 335 -6.56 4.68 1.22
CA GLY B 335 -7.56 5.02 0.22
C GLY B 335 -8.79 4.13 0.35
N MET B 336 -8.70 3.18 1.27
CA MET B 336 -9.77 2.28 1.65
C MET B 336 -10.54 2.67 2.91
N SER B 337 -10.32 3.90 3.36
CA SER B 337 -10.65 4.33 4.72
C SER B 337 -12.05 3.93 5.23
N ASP B 338 -13.07 3.98 4.38
CA ASP B 338 -14.40 3.57 4.80
C ASP B 338 -14.42 2.13 5.35
N ARG B 339 -13.80 1.19 4.64
CA ARG B 339 -13.84 -0.19 5.09
C ARG B 339 -12.99 -0.33 6.36
N ARG B 340 -11.83 0.33 6.42
CA ARG B 340 -10.98 0.27 7.62
C ARG B 340 -11.68 0.77 8.86
N LYS B 341 -12.51 1.79 8.69
CA LYS B 341 -13.27 2.29 9.82
C LYS B 341 -14.35 1.31 10.19
N ARG B 342 -14.95 0.65 9.20
CA ARG B 342 -15.91 -0.41 9.50
C ARG B 342 -15.28 -1.60 10.22
N GLU B 343 -14.07 -1.99 9.83
CA GLU B 343 -13.33 -3.03 10.55
C GLU B 343 -13.09 -2.61 11.98
N GLY B 344 -12.56 -1.40 12.15
CA GLY B 344 -12.35 -0.81 13.46
C GLY B 344 -13.65 -0.85 14.26
N ALA B 345 -14.77 -0.72 13.55
CA ALA B 345 -16.07 -0.66 14.19
C ALA B 345 -16.49 -2.04 14.72
N LEU B 346 -16.07 -3.11 14.03
CA LEU B 346 -16.24 -4.48 14.52
C LEU B 346 -15.54 -4.67 15.85
N VAL B 347 -14.30 -4.20 15.92
CA VAL B 347 -13.50 -4.32 17.14
C VAL B 347 -14.19 -3.55 18.26
N GLN B 348 -14.61 -2.34 17.91
CA GLN B 348 -15.29 -1.43 18.83
C GLN B 348 -16.58 -2.04 19.42
N LYS B 349 -17.29 -2.82 18.60
CA LYS B 349 -18.49 -3.47 19.07
C LYS B 349 -18.21 -4.49 20.16
N ASP B 350 -17.12 -5.24 19.96
CA ASP B 350 -16.68 -6.21 20.93
C ASP B 350 -16.26 -5.54 22.22
N ILE B 351 -15.69 -4.36 22.10
CA ILE B 351 -15.35 -3.61 23.29
C ILE B 351 -16.61 -3.20 24.05
N ASP B 352 -17.56 -2.62 23.33
CA ASP B 352 -18.80 -2.14 23.94
C ASP B 352 -19.66 -3.25 24.54
N SER B 353 -19.54 -4.45 23.98
CA SER B 353 -20.31 -5.60 24.45
C SER B 353 -19.59 -6.26 25.62
N GLY B 354 -18.43 -5.71 25.97
CA GLY B 354 -17.58 -6.25 27.02
C GLY B 354 -16.77 -7.50 26.72
N LEU B 355 -16.60 -7.84 25.45
CA LEU B 355 -15.84 -9.04 25.08
C LEU B 355 -14.35 -8.74 25.11
N LEU B 356 -13.97 -7.47 24.99
CA LEU B 356 -12.54 -7.16 25.03
C LEU B 356 -12.18 -6.31 26.24
N LYS B 357 -11.16 -6.78 26.97
CA LYS B 357 -10.68 -6.20 28.22
C LYS B 357 -11.84 -6.17 29.24
MG MG C . -7.16 -9.08 -2.86
#